data_7S8G
#
_entry.id   7S8G
#
_cell.length_a   71.600
_cell.length_b   72.718
_cell.length_c   90.014
_cell.angle_alpha   90.000
_cell.angle_beta   113.267
_cell.angle_gamma   90.000
#
_symmetry.space_group_name_H-M   'P 1 21 1'
#
loop_
_entity.id
_entity.type
_entity.pdbx_description
1 polymer '25.10C-FNQI Fab Heavy Chain'
2 polymer '25.10C-FNQI Fab Light Chain'
3 water water
#
loop_
_entity_poly.entity_id
_entity_poly.type
_entity_poly.pdbx_seq_one_letter_code
_entity_poly.pdbx_strand_id
1 'polypeptide(L)'
;QVQLQESGGGLVKPGGSLRLSCTASGFNFNKYNMNWVRQAPGKGLEWVSSISALSTYIYYADSLKGRFTVSRDNAKNSLF
LQMNSLRDDDTAVYYCAREIRRASTWSADLWGRGTLVTVFNQIKGPSVFPLAPSSKSTSGGTAALGCLVKDYFPEPVTVS
WNSGALTSGVHTFPAVLQSSGLYSLSSVVTVPSSSLGTQTYICNVNHKPSNTKVDKRVEPKSCDKTH
;
H,h
2 'polypeptide(L)'
;DIQMTQSPSSLSASVGDRVIITCRASQSISSSLNWYQQKPGKAPKLLIYAAVNLETGVPSRFSGSGFGTDFTLAISNVQP
EDFATYYCQQSDTRTFGRGTKLDVKRTVAAPSVFIFPPSDEQLKSGTASVVCLLNNFYPREAKVQWKVDNALQSGNSQES
VTEQDSKDSTYSLSSTLTLSKADYEKHKVYACEVTHQGLSSPVTKSFNRG
;
L,l
#
# COMPACT_ATOMS: atom_id res chain seq x y z
N GLN A 3 -14.85 7.49 -24.32
CA GLN A 3 -14.09 7.49 -23.09
C GLN A 3 -13.36 6.17 -22.89
N LEU A 4 -12.12 6.24 -22.40
CA LEU A 4 -11.33 5.07 -22.05
C LEU A 4 -10.99 5.16 -20.56
N GLN A 5 -11.46 4.20 -19.79
CA GLN A 5 -11.28 4.18 -18.34
C GLN A 5 -10.35 3.04 -17.96
N GLU A 6 -9.30 3.36 -17.21
CA GLU A 6 -8.26 2.40 -16.87
C GLU A 6 -8.29 2.07 -15.39
N SER A 7 -7.76 0.89 -15.07
CA SER A 7 -7.71 0.40 -13.70
C SER A 7 -6.64 -0.68 -13.62
N GLY A 8 -6.31 -1.05 -12.38
CA GLY A 8 -5.33 -2.08 -12.14
C GLY A 8 -3.95 -1.57 -11.73
N GLY A 9 -3.72 -0.26 -11.76
CA GLY A 9 -2.43 0.26 -11.39
C GLY A 9 -2.23 0.27 -9.89
N GLY A 10 -0.96 0.18 -9.48
CA GLY A 10 -0.63 0.22 -8.07
C GLY A 10 0.79 -0.27 -7.85
N LEU A 11 1.03 -0.67 -6.60
CA LEU A 11 2.33 -1.19 -6.20
C LEU A 11 2.44 -2.66 -6.57
N VAL A 12 3.62 -3.05 -7.04
CA VAL A 12 3.93 -4.44 -7.37
C VAL A 12 5.26 -4.79 -6.74
N LYS A 13 5.32 -5.93 -6.06
CA LYS A 13 6.57 -6.42 -5.51
C LYS A 13 7.48 -6.86 -6.65
N PRO A 14 8.77 -6.51 -6.60
CA PRO A 14 9.69 -6.96 -7.65
C PRO A 14 9.58 -8.46 -7.88
N GLY A 15 9.48 -8.86 -9.15
CA GLY A 15 9.21 -10.23 -9.49
C GLY A 15 7.75 -10.61 -9.44
N GLY A 16 6.85 -9.65 -9.25
CA GLY A 16 5.44 -9.92 -9.15
C GLY A 16 4.73 -9.83 -10.49
N SER A 17 3.40 -9.89 -10.43
CA SER A 17 2.57 -9.84 -11.62
C SER A 17 1.39 -8.91 -11.36
N LEU A 18 0.94 -8.26 -12.44
CA LEU A 18 -0.14 -7.30 -12.37
C LEU A 18 -0.92 -7.36 -13.67
N ARG A 19 -2.24 -7.19 -13.59
CA ARG A 19 -3.10 -7.19 -14.76
C ARG A 19 -3.82 -5.85 -14.85
N LEU A 20 -3.58 -5.12 -15.93
CA LEU A 20 -4.21 -3.83 -16.16
C LEU A 20 -5.50 -4.00 -16.96
N SER A 21 -6.37 -3.00 -16.83
CA SER A 21 -7.68 -3.02 -17.48
C SER A 21 -7.98 -1.66 -18.09
N CYS A 22 -8.69 -1.69 -19.21
CA CYS A 22 -9.13 -0.48 -19.91
C CYS A 22 -10.53 -0.74 -20.43
N THR A 23 -11.49 0.06 -20.00
CA THR A 23 -12.90 -0.12 -20.34
C THR A 23 -13.34 0.99 -21.28
N ALA A 24 -14.13 0.63 -22.29
CA ALA A 24 -14.49 1.53 -23.38
C ALA A 24 -15.93 2.00 -23.26
N SER A 25 -16.16 3.25 -23.65
CA SER A 25 -17.50 3.80 -23.69
C SER A 25 -17.57 4.82 -24.83
N GLY A 26 -18.75 4.90 -25.45
CA GLY A 26 -19.01 5.91 -26.46
C GLY A 26 -18.54 5.57 -27.86
N PHE A 27 -18.02 4.37 -28.10
CA PHE A 27 -17.58 4.01 -29.43
C PHE A 27 -17.67 2.49 -29.60
N ASN A 28 -17.63 2.06 -30.85
CA ASN A 28 -17.72 0.64 -31.21
C ASN A 28 -16.38 -0.01 -30.89
N PHE A 29 -16.28 -0.56 -29.68
CA PHE A 29 -15.05 -1.21 -29.26
C PHE A 29 -14.70 -2.41 -30.15
N ASN A 30 -15.70 -3.09 -30.68
CA ASN A 30 -15.45 -4.29 -31.46
C ASN A 30 -14.85 -3.97 -32.81
N LYS A 31 -15.09 -2.78 -33.35
CA LYS A 31 -14.61 -2.43 -34.68
C LYS A 31 -13.22 -1.83 -34.69
N TYR A 32 -12.79 -1.23 -33.59
CA TYR A 32 -11.54 -0.46 -33.56
C TYR A 32 -10.39 -1.27 -32.97
N ASN A 33 -9.20 -0.98 -33.46
CA ASN A 33 -7.96 -1.51 -32.91
C ASN A 33 -7.60 -0.76 -31.63
N MET A 34 -6.82 -1.43 -30.77
CA MET A 34 -6.42 -0.87 -29.49
C MET A 34 -4.95 -1.16 -29.26
N ASN A 35 -4.32 -0.34 -28.42
CA ASN A 35 -2.90 -0.48 -28.14
C ASN A 35 -2.61 -0.05 -26.71
N TRP A 36 -1.41 -0.41 -26.25
CA TRP A 36 -0.91 -0.03 -24.93
C TRP A 36 0.39 0.74 -25.08
N VAL A 37 0.54 1.81 -24.30
CA VAL A 37 1.74 2.64 -24.32
C VAL A 37 2.13 2.96 -22.89
N ARG A 38 3.44 3.05 -22.64
CA ARG A 38 3.95 3.28 -21.30
C ARG A 38 5.00 4.39 -21.32
N GLN A 39 5.11 5.10 -20.19
CA GLN A 39 6.09 6.16 -20.03
C GLN A 39 6.70 6.05 -18.64
N ALA A 40 8.00 5.79 -18.58
CA ALA A 40 8.69 5.68 -17.30
C ALA A 40 8.83 7.07 -16.66
N PRO A 41 9.08 7.12 -15.36
CA PRO A 41 9.21 8.42 -14.69
C PRO A 41 10.33 9.25 -15.31
N GLY A 42 9.99 10.48 -15.68
CA GLY A 42 10.98 11.38 -16.27
C GLY A 42 11.62 10.86 -17.52
N LYS A 43 10.84 10.18 -18.37
CA LYS A 43 11.35 9.58 -19.59
C LYS A 43 10.29 9.72 -20.69
N GLY A 44 10.67 9.31 -21.89
CA GLY A 44 9.80 9.44 -23.04
C GLY A 44 8.82 8.30 -23.20
N LEU A 45 7.89 8.47 -24.12
CA LEU A 45 6.85 7.48 -24.37
C LEU A 45 7.42 6.25 -25.06
N GLU A 46 6.88 5.09 -24.72
CA GLU A 46 7.31 3.82 -25.29
C GLU A 46 6.09 2.98 -25.64
N TRP A 47 6.02 2.52 -26.89
CA TRP A 47 4.96 1.63 -27.30
C TRP A 47 5.20 0.22 -26.74
N VAL A 48 4.12 -0.41 -26.27
CA VAL A 48 4.19 -1.72 -25.63
C VAL A 48 3.55 -2.80 -26.50
N SER A 49 2.26 -2.67 -26.80
CA SER A 49 1.57 -3.74 -27.49
C SER A 49 0.36 -3.18 -28.24
N SER A 50 -0.05 -3.91 -29.27
CA SER A 50 -1.24 -3.59 -30.05
C SER A 50 -2.02 -4.88 -30.30
N ILE A 51 -3.35 -4.76 -30.32
CA ILE A 51 -4.24 -5.89 -30.52
C ILE A 51 -5.33 -5.49 -31.51
N SER A 52 -5.69 -6.42 -32.38
CA SER A 52 -6.67 -6.13 -33.42
C SER A 52 -8.09 -6.11 -32.82
N ALA A 53 -9.04 -5.66 -33.65
CA ALA A 53 -10.42 -5.58 -33.21
C ALA A 53 -10.99 -6.95 -32.89
N LEU A 54 -10.60 -7.97 -33.66
CA LEU A 54 -11.04 -9.33 -33.43
C LEU A 54 -9.93 -10.22 -32.87
N SER A 55 -8.82 -9.62 -32.44
CA SER A 55 -7.67 -10.33 -31.89
C SER A 55 -6.96 -11.18 -32.94
N THR A 56 -7.26 -10.97 -34.22
CA THR A 56 -6.57 -11.71 -35.28
C THR A 56 -5.09 -11.37 -35.27
N TYR A 57 -4.75 -10.09 -35.17
CA TYR A 57 -3.37 -9.62 -35.16
C TYR A 57 -3.04 -9.05 -33.79
N ILE A 58 -1.98 -9.57 -33.18
CA ILE A 58 -1.48 -9.09 -31.90
C ILE A 58 0.01 -8.81 -32.05
N TYR A 59 0.44 -7.62 -31.63
CA TYR A 59 1.82 -7.21 -31.75
C TYR A 59 2.34 -6.77 -30.39
N TYR A 60 3.60 -7.11 -30.11
CA TYR A 60 4.25 -6.73 -28.86
C TYR A 60 5.56 -6.02 -29.17
N ALA A 61 6.10 -5.34 -28.15
CA ALA A 61 7.47 -4.86 -28.21
C ALA A 61 8.42 -6.04 -28.01
N ASP A 62 9.51 -6.07 -28.78
CA ASP A 62 10.42 -7.19 -28.72
C ASP A 62 11.01 -7.37 -27.33
N SER A 63 11.25 -6.28 -26.61
CA SER A 63 11.88 -6.36 -25.30
C SER A 63 11.00 -7.12 -24.31
N LEU A 64 9.71 -6.79 -24.27
CA LEU A 64 8.80 -7.39 -23.30
C LEU A 64 7.73 -8.23 -23.99
N LYS A 65 8.16 -9.21 -24.79
CA LYS A 65 7.22 -10.05 -25.51
C LYS A 65 6.79 -11.26 -24.69
N GLY A 66 7.72 -11.87 -23.95
CA GLY A 66 7.41 -13.07 -23.21
C GLY A 66 6.81 -12.82 -21.84
N ARG A 67 6.99 -11.61 -21.32
CA ARG A 67 6.48 -11.26 -20.00
C ARG A 67 5.15 -10.52 -20.04
N PHE A 68 4.84 -9.84 -21.13
CA PHE A 68 3.59 -9.10 -21.26
C PHE A 68 2.65 -9.84 -22.20
N THR A 69 1.36 -9.86 -21.85
CA THR A 69 0.33 -10.49 -22.65
C THR A 69 -0.83 -9.53 -22.79
N VAL A 70 -1.36 -9.40 -24.02
CA VAL A 70 -2.48 -8.51 -24.30
C VAL A 70 -3.69 -9.36 -24.68
N SER A 71 -4.85 -8.97 -24.18
CA SER A 71 -6.10 -9.67 -24.47
C SER A 71 -7.21 -8.64 -24.50
N ARG A 72 -8.37 -9.04 -25.02
CA ARG A 72 -9.52 -8.16 -25.07
C ARG A 72 -10.81 -8.98 -25.04
N ASP A 73 -11.85 -8.37 -24.48
CA ASP A 73 -13.18 -8.97 -24.43
C ASP A 73 -14.15 -7.92 -24.97
N ASN A 74 -14.48 -8.03 -26.26
CA ASN A 74 -15.32 -7.01 -26.90
C ASN A 74 -16.75 -7.02 -26.36
N ALA A 75 -17.21 -8.14 -25.80
CA ALA A 75 -18.52 -8.15 -25.16
C ALA A 75 -18.53 -7.24 -23.94
N LYS A 76 -17.42 -7.20 -23.20
CA LYS A 76 -17.28 -6.31 -22.07
C LYS A 76 -16.77 -4.93 -22.45
N ASN A 77 -16.42 -4.71 -23.72
CA ASN A 77 -15.81 -3.47 -24.16
C ASN A 77 -14.58 -3.15 -23.32
N SER A 78 -13.73 -4.17 -23.14
CA SER A 78 -12.56 -4.03 -22.29
C SER A 78 -11.38 -4.76 -22.91
N LEU A 79 -10.18 -4.26 -22.63
CA LEU A 79 -8.94 -4.91 -23.01
C LEU A 79 -8.03 -4.97 -21.79
N PHE A 80 -7.07 -5.89 -21.83
CA PHE A 80 -6.27 -6.19 -20.65
C PHE A 80 -4.82 -6.44 -21.04
N LEU A 81 -3.93 -6.11 -20.10
CA LEU A 81 -2.50 -6.39 -20.23
C LEU A 81 -2.08 -7.14 -18.98
N GLN A 82 -1.55 -8.35 -19.15
CA GLN A 82 -1.02 -9.15 -18.06
C GLN A 82 0.50 -9.08 -18.09
N MET A 83 1.09 -8.57 -17.01
CA MET A 83 2.53 -8.42 -16.90
C MET A 83 3.05 -9.35 -15.81
N ASN A 84 4.16 -10.02 -16.09
CA ASN A 84 4.74 -10.99 -15.18
C ASN A 84 6.24 -10.76 -15.08
N SER A 85 6.83 -11.26 -13.99
CA SER A 85 8.24 -11.03 -13.70
C SER A 85 8.57 -9.55 -13.76
N LEU A 86 7.70 -8.74 -13.17
CA LEU A 86 7.82 -7.29 -13.25
C LEU A 86 9.13 -6.83 -12.62
N ARG A 87 9.67 -5.73 -13.15
CA ARG A 87 10.98 -5.23 -12.78
C ARG A 87 10.89 -3.72 -12.60
N ASP A 88 11.97 -3.16 -12.05
CA ASP A 88 12.01 -1.71 -11.81
C ASP A 88 11.88 -0.93 -13.11
N ASP A 89 12.47 -1.45 -14.20
CA ASP A 89 12.35 -0.78 -15.49
C ASP A 89 10.89 -0.66 -15.93
N ASP A 90 10.01 -1.50 -15.42
CA ASP A 90 8.60 -1.46 -15.77
C ASP A 90 7.81 -0.42 -14.99
N THR A 91 8.44 0.27 -14.06
CA THR A 91 7.78 1.38 -13.38
C THR A 91 7.43 2.47 -14.41
N ALA A 92 6.15 2.72 -14.60
CA ALA A 92 5.70 3.66 -15.62
C ALA A 92 4.21 3.87 -15.49
N VAL A 93 3.72 4.91 -16.15
CA VAL A 93 2.29 5.12 -16.33
C VAL A 93 1.87 4.44 -17.63
N TYR A 94 0.88 3.56 -17.55
CA TYR A 94 0.44 2.77 -18.69
C TYR A 94 -0.87 3.36 -19.22
N TYR A 95 -0.85 3.79 -20.48
CA TYR A 95 -2.01 4.36 -21.13
C TYR A 95 -2.63 3.34 -22.09
N CYS A 96 -3.95 3.40 -22.22
CA CYS A 96 -4.66 2.64 -23.25
C CYS A 96 -5.25 3.62 -24.25
N ALA A 97 -5.02 3.36 -25.53
CA ALA A 97 -5.43 4.27 -26.59
C ALA A 97 -6.04 3.50 -27.75
N ARG A 98 -6.99 4.13 -28.42
CA ARG A 98 -7.64 3.56 -29.59
C ARG A 98 -6.88 3.97 -30.85
N GLU A 99 -6.69 3.01 -31.76
CA GLU A 99 -5.99 3.25 -33.02
C GLU A 99 -6.98 3.23 -34.18
N ILE A 100 -6.82 4.19 -35.09
CA ILE A 100 -7.71 4.39 -36.22
C ILE A 100 -6.88 4.43 -37.49
N ARG A 101 -7.33 3.72 -38.52
CA ARG A 101 -6.60 3.64 -39.78
C ARG A 101 -7.04 4.77 -40.69
N ARG A 102 -6.11 5.68 -40.99
CA ARG A 102 -6.35 6.79 -41.91
C ARG A 102 -5.14 6.92 -42.82
N ALA A 103 -5.39 7.06 -44.11
CA ALA A 103 -4.32 7.16 -45.11
C ALA A 103 -3.45 5.91 -45.11
N SER A 104 -4.09 4.75 -44.93
CA SER A 104 -3.41 3.46 -44.88
C SER A 104 -2.34 3.42 -43.80
N THR A 105 -2.59 4.11 -42.68
CA THR A 105 -1.69 4.09 -41.55
C THR A 105 -2.51 4.22 -40.27
N TRP A 106 -1.91 3.82 -39.15
CA TRP A 106 -2.60 3.80 -37.87
C TRP A 106 -2.14 4.97 -37.01
N SER A 107 -3.11 5.64 -36.39
CA SER A 107 -2.85 6.72 -35.45
C SER A 107 -3.76 6.57 -34.24
N ALA A 108 -3.28 7.06 -33.10
CA ALA A 108 -4.03 6.99 -31.84
C ALA A 108 -4.68 8.34 -31.60
N ASP A 109 -6.01 8.38 -31.67
CA ASP A 109 -6.76 9.62 -31.47
C ASP A 109 -7.40 9.71 -30.10
N LEU A 110 -7.81 8.59 -29.51
CA LEU A 110 -8.43 8.55 -28.19
C LEU A 110 -7.45 7.92 -27.21
N TRP A 111 -7.22 8.59 -26.08
CA TRP A 111 -6.29 8.12 -25.07
C TRP A 111 -6.98 8.03 -23.73
N GLY A 112 -6.41 7.21 -22.84
CA GLY A 112 -6.85 7.12 -21.47
C GLY A 112 -6.00 8.01 -20.57
N ARG A 113 -6.59 8.38 -19.43
CA ARG A 113 -5.86 9.23 -18.48
C ARG A 113 -4.57 8.56 -18.03
N GLY A 114 -4.61 7.26 -17.78
CA GLY A 114 -3.45 6.52 -17.38
C GLY A 114 -3.53 6.08 -15.93
N THR A 115 -2.88 4.95 -15.64
CA THR A 115 -2.77 4.43 -14.28
C THR A 115 -1.31 4.08 -14.03
N LEU A 116 -0.82 4.43 -12.84
CA LEU A 116 0.59 4.27 -12.53
C LEU A 116 0.86 2.86 -12.00
N VAL A 117 1.88 2.22 -12.57
CA VAL A 117 2.40 0.96 -12.07
C VAL A 117 3.82 1.21 -11.59
N THR A 118 4.05 1.05 -10.29
CA THR A 118 5.35 1.26 -9.67
C THR A 118 5.78 -0.03 -9.01
N VAL A 119 6.98 -0.50 -9.35
CA VAL A 119 7.48 -1.82 -8.94
C VAL A 119 8.51 -1.60 -7.85
N PHE A 120 8.14 -1.93 -6.62
CA PHE A 120 9.04 -1.75 -5.48
C PHE A 120 8.42 -2.41 -4.25
N ASN A 121 9.27 -2.66 -3.26
CA ASN A 121 8.84 -3.24 -1.99
C ASN A 121 8.45 -2.11 -1.05
N GLN A 122 7.22 -2.16 -0.53
CA GLN A 122 6.74 -1.11 0.35
C GLN A 122 7.47 -1.18 1.69
N ILE A 123 8.01 -0.04 2.12
CA ILE A 123 8.65 0.10 3.42
C ILE A 123 8.33 1.49 3.94
N LYS A 124 7.83 1.57 5.17
CA LYS A 124 7.54 2.87 5.78
C LYS A 124 8.32 3.07 7.07
N GLY A 125 8.19 2.18 8.04
CA GLY A 125 8.82 2.35 9.33
C GLY A 125 7.84 2.84 10.38
N PRO A 126 8.11 2.53 11.64
CA PRO A 126 7.13 2.82 12.69
C PRO A 126 7.20 4.26 13.19
N SER A 127 6.05 4.76 13.63
CA SER A 127 5.93 6.01 14.36
C SER A 127 5.51 5.66 15.77
N VAL A 128 6.41 5.89 16.74
CA VAL A 128 6.22 5.46 18.12
C VAL A 128 5.64 6.61 18.92
N PHE A 129 4.58 6.33 19.68
CA PHE A 129 3.92 7.33 20.50
C PHE A 129 3.75 6.78 21.91
N PRO A 130 4.01 7.60 22.93
CA PRO A 130 3.92 7.10 24.31
C PRO A 130 2.49 6.92 24.78
N LEU A 131 2.32 5.96 25.69
CA LEU A 131 1.06 5.71 26.37
C LEU A 131 1.30 6.01 27.86
N ALA A 132 0.91 7.20 28.30
CA ALA A 132 1.26 7.64 29.65
C ALA A 132 0.17 7.26 30.65
N PRO A 133 0.56 6.82 31.86
CA PRO A 133 -0.46 6.52 32.88
C PRO A 133 -1.18 7.78 33.38
N GLY A 141 -1.39 -0.24 44.16
CA GLY A 141 -0.41 0.67 43.62
C GLY A 141 0.26 0.15 42.36
N THR A 142 -0.54 -0.36 41.43
CA THR A 142 -0.06 -0.87 40.17
C THR A 142 -0.47 0.08 39.05
N ALA A 143 0.49 0.49 38.23
CA ALA A 143 0.26 1.42 37.13
C ALA A 143 0.59 0.75 35.81
N ALA A 144 -0.02 1.27 34.74
CA ALA A 144 0.11 0.72 33.40
C ALA A 144 0.80 1.73 32.50
N LEU A 145 1.83 1.28 31.78
CA LEU A 145 2.55 2.08 30.82
C LEU A 145 2.57 1.34 29.49
N GLY A 146 2.86 2.07 28.41
CA GLY A 146 2.90 1.44 27.11
C GLY A 146 3.45 2.36 26.04
N CYS A 147 3.65 1.78 24.86
CA CYS A 147 4.06 2.48 23.66
C CYS A 147 3.22 1.99 22.50
N LEU A 148 2.96 2.88 21.54
CA LEU A 148 2.07 2.60 20.42
C LEU A 148 2.84 2.68 19.12
N VAL A 149 3.24 1.52 18.60
CA VAL A 149 3.81 1.45 17.26
C VAL A 149 2.65 1.57 16.27
N LYS A 150 2.79 2.51 15.33
CA LYS A 150 1.69 2.90 14.47
C LYS A 150 2.19 3.16 13.06
N ASP A 151 1.35 2.84 12.08
CA ASP A 151 1.60 3.14 10.68
C ASP A 151 2.98 2.62 10.26
N TYR A 152 3.17 1.31 10.40
CA TYR A 152 4.41 0.65 10.04
C TYR A 152 4.14 -0.47 9.05
N PHE A 153 5.02 -0.57 8.04
CA PHE A 153 4.90 -1.56 7.00
C PHE A 153 6.30 -1.90 6.52
N PRO A 154 6.59 -3.18 6.20
CA PRO A 154 5.78 -4.38 6.44
C PRO A 154 6.09 -4.98 7.80
N GLU A 155 5.26 -5.92 8.29
CA GLU A 155 5.64 -6.68 9.47
C GLU A 155 6.99 -7.35 9.22
N PRO A 156 7.74 -7.70 10.28
CA PRO A 156 7.46 -7.66 11.72
C PRO A 156 8.03 -6.46 12.47
N VAL A 157 7.62 -6.30 13.72
CA VAL A 157 8.18 -5.30 14.63
C VAL A 157 8.39 -5.97 15.98
N THR A 158 9.56 -5.72 16.58
CA THR A 158 9.94 -6.33 17.86
C THR A 158 10.08 -5.22 18.90
N VAL A 159 9.35 -5.37 20.01
CA VAL A 159 9.33 -4.38 21.08
C VAL A 159 10.02 -4.97 22.30
N SER A 160 10.94 -4.19 22.88
CA SER A 160 11.59 -4.54 24.13
C SER A 160 11.44 -3.37 25.09
N TRP A 161 11.57 -3.66 26.39
CA TRP A 161 11.47 -2.65 27.43
C TRP A 161 12.75 -2.64 28.25
N ASN A 162 13.30 -1.45 28.46
CA ASN A 162 14.53 -1.28 29.23
C ASN A 162 15.63 -2.18 28.71
N SER A 163 15.77 -2.22 27.38
CA SER A 163 16.82 -2.99 26.72
C SER A 163 16.80 -4.44 27.17
N GLY A 164 15.60 -4.99 27.37
CA GLY A 164 15.43 -6.37 27.72
C GLY A 164 15.38 -6.65 29.20
N ALA A 165 15.61 -5.65 30.05
CA ALA A 165 15.54 -5.88 31.48
C ALA A 165 14.12 -6.17 31.93
N LEU A 166 13.16 -5.39 31.42
CA LEU A 166 11.75 -5.52 31.83
C LEU A 166 11.07 -6.55 30.93
N THR A 167 10.73 -7.70 31.53
CA THR A 167 9.95 -8.72 30.86
C THR A 167 8.67 -9.07 31.61
N SER A 168 8.51 -8.57 32.83
CA SER A 168 7.32 -8.86 33.62
C SER A 168 6.19 -7.91 33.25
N GLY A 169 4.98 -8.47 33.13
CA GLY A 169 3.81 -7.68 32.81
C GLY A 169 3.73 -7.18 31.39
N VAL A 170 4.75 -7.42 30.58
CA VAL A 170 4.76 -6.91 29.20
C VAL A 170 3.81 -7.76 28.36
N HIS A 171 2.88 -7.11 27.68
CA HIS A 171 1.92 -7.77 26.79
C HIS A 171 1.94 -7.02 25.46
N THR A 172 2.68 -7.56 24.48
CA THR A 172 2.73 -6.97 23.15
C THR A 172 1.59 -7.55 22.31
N PHE A 173 0.64 -6.71 21.94
CA PHE A 173 -0.55 -7.18 21.25
C PHE A 173 -0.26 -7.46 19.78
N PRO A 174 -1.02 -8.36 19.16
CA PRO A 174 -0.84 -8.60 17.72
C PRO A 174 -1.17 -7.37 16.89
N ALA A 175 -0.51 -7.26 15.74
CA ALA A 175 -0.70 -6.11 14.88
C ALA A 175 -2.06 -6.14 14.20
N VAL A 176 -2.63 -4.95 14.00
CA VAL A 176 -3.91 -4.80 13.30
C VAL A 176 -3.67 -3.94 12.06
N LEU A 177 -4.27 -4.36 10.94
CA LEU A 177 -4.14 -3.62 9.69
C LEU A 177 -5.15 -2.48 9.68
N GLN A 178 -4.66 -1.25 9.49
CA GLN A 178 -5.50 -0.07 9.52
C GLN A 178 -6.04 0.24 8.12
N SER A 179 -6.97 1.20 8.06
CA SER A 179 -7.48 1.65 6.78
C SER A 179 -6.39 2.23 5.89
N SER A 180 -5.26 2.61 6.47
CA SER A 180 -4.12 3.08 5.69
C SER A 180 -3.40 1.96 4.97
N GLY A 181 -3.71 0.71 5.29
CA GLY A 181 -2.91 -0.39 4.79
C GLY A 181 -1.61 -0.60 5.53
N LEU A 182 -1.51 -0.04 6.74
CA LEU A 182 -0.30 -0.13 7.55
C LEU A 182 -0.66 -0.78 8.88
N TYR A 183 0.25 -1.59 9.40
CA TYR A 183 -0.01 -2.33 10.63
C TYR A 183 0.21 -1.45 11.86
N SER A 184 -0.50 -1.79 12.93
CA SER A 184 -0.39 -1.09 14.20
C SER A 184 -0.45 -2.12 15.32
N LEU A 185 0.52 -2.06 16.23
CA LEU A 185 0.55 -2.93 17.40
C LEU A 185 0.67 -2.09 18.65
N SER A 186 0.41 -2.70 19.80
CA SER A 186 0.49 -2.05 21.09
C SER A 186 1.32 -2.89 22.03
N SER A 187 2.09 -2.23 22.90
CA SER A 187 2.86 -2.88 23.94
C SER A 187 2.59 -2.17 25.26
N VAL A 188 2.23 -2.94 26.28
CA VAL A 188 1.92 -2.39 27.59
C VAL A 188 2.79 -3.10 28.62
N VAL A 189 2.87 -2.50 29.80
CA VAL A 189 3.63 -3.08 30.91
C VAL A 189 3.00 -2.63 32.21
N THR A 190 2.84 -3.56 33.14
CA THR A 190 2.29 -3.30 34.46
C THR A 190 3.43 -3.12 35.44
N VAL A 191 3.49 -1.96 36.09
CA VAL A 191 4.60 -1.61 36.97
C VAL A 191 4.07 -1.00 38.25
N PRO A 192 4.90 -0.94 39.29
CA PRO A 192 4.48 -0.26 40.53
C PRO A 192 4.26 1.23 40.28
N SER A 193 3.20 1.76 40.88
CA SER A 193 2.92 3.19 40.74
C SER A 193 4.00 4.04 41.38
N SER A 194 4.63 3.54 42.44
CA SER A 194 5.66 4.33 43.12
C SER A 194 6.86 4.56 42.22
N SER A 195 7.21 3.58 41.38
CA SER A 195 8.42 3.67 40.57
C SER A 195 8.33 4.76 39.52
N LEU A 196 7.12 5.22 39.18
CA LEU A 196 6.97 6.21 38.12
C LEU A 196 7.79 7.47 38.42
N GLY A 197 7.91 7.84 39.69
CA GLY A 197 8.67 9.02 40.03
C GLY A 197 10.16 8.81 40.06
N THR A 198 10.60 7.60 40.38
CA THR A 198 12.01 7.31 40.60
C THR A 198 12.67 6.54 39.47
N GLN A 199 11.91 5.96 38.56
CA GLN A 199 12.45 5.09 37.54
C GLN A 199 12.03 5.54 36.16
N THR A 200 12.88 5.24 35.18
CA THR A 200 12.65 5.59 33.79
C THR A 200 12.30 4.34 33.00
N TYR A 201 11.22 4.42 32.21
CA TYR A 201 10.78 3.33 31.35
C TYR A 201 10.88 3.77 29.91
N ILE A 202 11.59 3.00 29.09
CA ILE A 202 11.78 3.29 27.69
C ILE A 202 11.37 2.08 26.87
N CYS A 203 10.75 2.34 25.72
CA CYS A 203 10.24 1.31 24.83
C CYS A 203 11.12 1.25 23.59
N ASN A 204 11.74 0.10 23.36
CA ASN A 204 12.70 -0.09 22.29
C ASN A 204 12.02 -0.82 21.14
N VAL A 205 11.86 -0.14 20.01
CA VAL A 205 11.14 -0.66 18.86
C VAL A 205 12.14 -0.88 17.73
N ASN A 206 12.18 -2.11 17.21
CA ASN A 206 13.05 -2.47 16.11
C ASN A 206 12.21 -2.90 14.92
N HIS A 207 12.50 -2.35 13.74
CA HIS A 207 11.78 -2.64 12.50
C HIS A 207 12.85 -2.92 11.44
N LYS A 208 13.25 -4.18 11.33
CA LYS A 208 14.33 -4.53 10.41
C LYS A 208 13.99 -4.28 8.94
N PRO A 209 12.75 -4.44 8.47
CA PRO A 209 12.47 -4.09 7.06
C PRO A 209 12.97 -2.70 6.68
N SER A 210 12.74 -1.72 7.56
CA SER A 210 13.32 -0.39 7.39
C SER A 210 14.61 -0.23 8.19
N ASN A 211 15.03 -1.26 8.93
CA ASN A 211 16.22 -1.20 9.77
C ASN A 211 16.17 0.04 10.67
N THR A 212 14.99 0.31 11.22
CA THR A 212 14.74 1.47 12.05
C THR A 212 14.64 1.05 13.50
N LYS A 213 15.42 1.72 14.36
CA LYS A 213 15.42 1.47 15.80
C LYS A 213 15.01 2.75 16.50
N VAL A 214 13.86 2.72 17.18
CA VAL A 214 13.32 3.89 17.87
C VAL A 214 13.20 3.57 19.35
N ASP A 215 13.68 4.47 20.20
CA ASP A 215 13.56 4.36 21.64
C ASP A 215 12.77 5.56 22.15
N LYS A 216 11.67 5.28 22.84
CA LYS A 216 10.75 6.31 23.31
C LYS A 216 10.53 6.12 24.80
N ARG A 217 10.78 7.17 25.58
CA ARG A 217 10.59 7.12 27.02
C ARG A 217 9.15 7.43 27.37
N VAL A 218 8.58 6.64 28.28
CA VAL A 218 7.22 6.83 28.76
C VAL A 218 7.28 7.50 30.12
N GLU A 219 6.51 8.57 30.28
CA GLU A 219 6.46 9.32 31.54
C GLU A 219 5.02 9.71 31.83
N PRO A 220 4.66 9.81 33.11
CA PRO A 220 3.24 9.99 33.44
C PRO A 220 2.69 11.28 32.84
N LYS A 221 1.40 11.24 32.52
CA LYS A 221 0.70 12.41 31.99
C LYS A 221 0.16 13.27 33.12
N ILE B 2 14.67 0.86 -38.55
CA ILE B 2 13.76 2.04 -38.46
C ILE B 2 13.99 2.78 -37.15
N GLN B 3 15.10 3.52 -37.09
CA GLN B 3 15.46 4.31 -35.92
C GLN B 3 14.99 5.74 -36.12
N MET B 4 14.35 6.30 -35.11
CA MET B 4 13.72 7.62 -35.18
C MET B 4 14.50 8.60 -34.32
N THR B 5 14.92 9.71 -34.92
CA THR B 5 15.69 10.74 -34.25
C THR B 5 14.91 12.05 -34.28
N GLN B 6 14.97 12.80 -33.17
CA GLN B 6 14.25 14.05 -33.04
C GLN B 6 15.22 15.19 -32.74
N SER B 7 14.94 16.36 -33.33
CA SER B 7 15.72 17.56 -33.15
C SER B 7 14.77 18.75 -33.11
N PRO B 8 15.01 19.74 -32.24
CA PRO B 8 16.01 19.77 -31.15
C PRO B 8 15.56 18.99 -29.92
N SER B 9 16.51 18.54 -29.09
CA SER B 9 16.14 17.86 -27.85
C SER B 9 15.49 18.82 -26.88
N SER B 10 15.98 20.06 -26.81
CA SER B 10 15.41 21.10 -25.97
C SER B 10 15.28 22.38 -26.79
N LEU B 11 14.12 23.03 -26.69
CA LEU B 11 13.85 24.26 -27.41
C LEU B 11 13.19 25.26 -26.49
N SER B 12 13.64 26.51 -26.56
CA SER B 12 13.09 27.60 -25.75
C SER B 12 12.59 28.68 -26.71
N ALA B 13 11.32 29.04 -26.58
CA ALA B 13 10.70 29.99 -27.50
C ALA B 13 9.87 31.00 -26.70
N SER B 14 9.48 32.07 -27.39
CA SER B 14 8.65 33.12 -26.81
C SER B 14 7.36 33.24 -27.61
N VAL B 15 6.28 33.61 -26.92
CA VAL B 15 4.99 33.73 -27.58
C VAL B 15 5.12 34.70 -28.74
N GLY B 16 4.57 34.31 -29.90
CA GLY B 16 4.71 35.07 -31.11
C GLY B 16 5.83 34.61 -32.01
N ASP B 17 6.63 33.65 -31.58
CA ASP B 17 7.70 33.10 -32.39
C ASP B 17 7.21 31.90 -33.20
N ARG B 18 8.04 31.48 -34.15
CA ARG B 18 7.79 30.30 -34.96
C ARG B 18 8.70 29.18 -34.49
N VAL B 19 8.11 28.04 -34.12
CA VAL B 19 8.83 26.90 -33.57
C VAL B 19 8.80 25.77 -34.59
N ILE B 20 9.94 25.13 -34.80
CA ILE B 20 10.08 24.05 -35.77
C ILE B 20 10.77 22.88 -35.09
N ILE B 21 10.13 21.71 -35.11
CA ILE B 21 10.70 20.47 -34.65
C ILE B 21 10.87 19.55 -35.86
N THR B 22 11.99 18.83 -35.91
CA THR B 22 12.31 17.98 -37.04
C THR B 22 12.58 16.55 -36.56
N CYS B 23 12.06 15.60 -37.33
CA CYS B 23 12.18 14.17 -37.03
C CYS B 23 12.72 13.47 -38.27
N ARG B 24 13.87 12.83 -38.14
CA ARG B 24 14.51 12.11 -39.23
C ARG B 24 14.39 10.61 -39.01
N ALA B 25 14.07 9.88 -40.08
CA ALA B 25 14.02 8.43 -40.06
C ALA B 25 15.23 7.87 -40.80
N SER B 26 15.81 6.82 -40.23
CA SER B 26 17.02 6.23 -40.83
C SER B 26 16.77 5.80 -42.27
N GLN B 27 15.59 5.26 -42.55
CA GLN B 27 15.19 4.87 -43.89
C GLN B 27 13.83 5.49 -44.21
N SER B 28 13.49 5.49 -45.49
CA SER B 28 12.25 6.13 -45.92
C SER B 28 11.04 5.45 -45.30
N ILE B 29 10.17 6.26 -44.71
CA ILE B 29 8.90 5.79 -44.17
C ILE B 29 7.72 6.38 -44.93
N SER B 30 7.97 6.99 -46.09
CA SER B 30 6.93 7.60 -46.92
C SER B 30 6.29 8.73 -46.11
N SER B 31 4.98 8.70 -45.87
CA SER B 31 4.31 9.73 -45.07
C SER B 31 3.79 9.17 -43.75
N SER B 32 4.30 8.01 -43.33
CA SER B 32 3.80 7.33 -42.13
C SER B 32 4.52 7.88 -40.89
N LEU B 33 4.19 9.12 -40.56
CA LEU B 33 4.79 9.82 -39.43
C LEU B 33 3.70 10.61 -38.71
N ASN B 34 3.65 10.45 -37.39
CA ASN B 34 2.64 11.12 -36.57
C ASN B 34 3.33 12.05 -35.58
N TRP B 35 2.60 13.09 -35.17
CA TRP B 35 3.07 14.04 -34.18
C TRP B 35 2.07 14.09 -33.02
N TYR B 36 2.58 14.03 -31.80
CA TYR B 36 1.75 14.08 -30.60
C TYR B 36 2.23 15.20 -29.69
N GLN B 37 1.33 15.66 -28.83
CA GLN B 37 1.63 16.66 -27.82
C GLN B 37 1.27 16.09 -26.45
N GLN B 38 2.21 16.16 -25.51
CA GLN B 38 1.97 15.79 -24.13
C GLN B 38 2.33 16.96 -23.23
N LYS B 39 1.35 17.46 -22.49
CA LYS B 39 1.61 18.48 -21.48
C LYS B 39 2.00 17.80 -20.17
N PRO B 40 2.73 18.50 -19.31
CA PRO B 40 3.27 17.86 -18.10
C PRO B 40 2.16 17.22 -17.27
N GLY B 41 2.34 15.95 -16.93
CA GLY B 41 1.38 15.25 -16.10
C GLY B 41 0.02 15.07 -16.73
N LYS B 42 -0.04 14.87 -18.04
CA LYS B 42 -1.29 14.65 -18.75
C LYS B 42 -1.05 13.63 -19.86
N ALA B 43 -2.16 13.09 -20.37
CA ALA B 43 -2.07 12.07 -21.40
C ALA B 43 -1.77 12.71 -22.75
N PRO B 44 -1.09 11.99 -23.65
CA PRO B 44 -0.74 12.57 -24.95
C PRO B 44 -1.98 12.94 -25.78
N LYS B 45 -1.77 13.88 -26.70
CA LYS B 45 -2.80 14.33 -27.63
C LYS B 45 -2.25 14.22 -29.05
N LEU B 46 -3.08 13.74 -29.97
CA LEU B 46 -2.67 13.63 -31.37
C LEU B 46 -2.87 14.97 -32.07
N LEU B 47 -1.84 15.40 -32.81
CA LEU B 47 -1.89 16.65 -33.57
C LEU B 47 -2.04 16.40 -35.07
N ILE B 48 -1.06 15.72 -35.67
CA ILE B 48 -1.00 15.43 -37.09
C ILE B 48 -0.87 13.93 -37.27
N TYR B 49 -1.49 13.45 -38.34
CA TYR B 49 -1.40 12.06 -38.74
C TYR B 49 -1.04 11.98 -40.23
N ALA B 50 -0.32 10.95 -40.60
CA ALA B 50 0.13 10.80 -42.00
C ALA B 50 0.94 12.02 -42.46
N ALA B 51 1.76 12.54 -41.56
CA ALA B 51 2.71 13.60 -41.82
C ALA B 51 2.08 14.99 -41.96
N VAL B 52 1.02 15.14 -42.75
CA VAL B 52 0.51 16.47 -43.05
C VAL B 52 -0.94 16.67 -42.68
N ASN B 53 -1.68 15.62 -42.35
CA ASN B 53 -3.10 15.75 -42.05
C ASN B 53 -3.34 16.10 -40.59
N LEU B 54 -4.12 17.15 -40.35
CA LEU B 54 -4.34 17.63 -39.00
C LEU B 54 -5.59 17.04 -38.34
N GLU B 55 -5.45 16.73 -37.05
CA GLU B 55 -6.56 16.19 -36.29
C GLU B 55 -7.53 17.29 -35.90
N THR B 56 -8.81 16.91 -35.72
CA THR B 56 -9.82 17.88 -35.29
C THR B 56 -9.47 18.42 -33.91
N GLY B 57 -9.74 19.70 -33.70
CA GLY B 57 -9.41 20.34 -32.45
C GLY B 57 -7.99 20.82 -32.33
N VAL B 58 -7.21 20.75 -33.39
CA VAL B 58 -5.82 21.21 -33.40
C VAL B 58 -5.79 22.60 -34.01
N PRO B 59 -5.22 23.60 -33.33
CA PRO B 59 -5.12 24.93 -33.95
C PRO B 59 -4.38 24.88 -35.28
N SER B 60 -4.84 25.68 -36.23
CA SER B 60 -4.24 25.70 -37.55
C SER B 60 -2.79 26.19 -37.53
N ARG B 61 -2.39 26.88 -36.46
CA ARG B 61 -0.99 27.30 -36.36
C ARG B 61 -0.05 26.11 -36.41
N PHE B 62 -0.51 24.94 -35.97
CA PHE B 62 0.26 23.72 -36.11
C PHE B 62 0.20 23.24 -37.55
N SER B 63 1.37 23.00 -38.14
CA SER B 63 1.47 22.62 -39.54
C SER B 63 2.45 21.47 -39.69
N GLY B 64 2.14 20.56 -40.59
CA GLY B 64 2.95 19.37 -40.83
C GLY B 64 3.44 19.31 -42.25
N SER B 65 4.70 18.89 -42.42
CA SER B 65 5.31 18.75 -43.74
C SER B 65 6.30 17.61 -43.69
N GLY B 66 6.54 17.00 -44.84
CA GLY B 66 7.57 15.98 -44.98
C GLY B 66 7.20 14.78 -45.82
N PHE B 67 8.21 14.18 -46.45
CA PHE B 67 8.07 12.93 -47.18
C PHE B 67 9.42 12.23 -47.15
N GLY B 68 9.39 10.91 -47.16
CA GLY B 68 10.61 10.13 -47.11
C GLY B 68 11.19 10.04 -45.72
N THR B 69 12.40 10.59 -45.52
CA THR B 69 13.08 10.47 -44.25
C THR B 69 12.92 11.69 -43.34
N ASP B 70 12.80 12.88 -43.89
CA ASP B 70 12.81 14.11 -43.11
C ASP B 70 11.41 14.70 -43.01
N PHE B 71 11.03 15.09 -41.79
CA PHE B 71 9.71 15.62 -41.51
C PHE B 71 9.85 16.80 -40.55
N THR B 72 8.83 17.66 -40.55
CA THR B 72 8.87 18.88 -39.76
C THR B 72 7.50 19.21 -39.19
N LEU B 73 7.48 19.68 -37.94
CA LEU B 73 6.28 20.19 -37.28
C LEU B 73 6.52 21.66 -36.95
N ALA B 74 5.55 22.50 -37.28
CA ALA B 74 5.70 23.95 -37.12
C ALA B 74 4.52 24.53 -36.37
N ILE B 75 4.81 25.37 -35.38
CA ILE B 75 3.80 26.15 -34.66
C ILE B 75 3.99 27.60 -35.10
N SER B 76 3.00 28.16 -35.78
CA SER B 76 3.17 29.48 -36.39
C SER B 76 3.26 30.57 -35.35
N ASN B 77 2.25 30.66 -34.47
CA ASN B 77 2.19 31.68 -33.42
C ASN B 77 2.13 30.94 -32.09
N VAL B 78 3.31 30.59 -31.55
CA VAL B 78 3.35 29.81 -30.32
C VAL B 78 2.62 30.57 -29.23
N GLN B 79 1.74 29.87 -28.51
CA GLN B 79 0.91 30.41 -27.46
C GLN B 79 1.26 29.75 -26.14
N PRO B 80 0.87 30.33 -25.01
CA PRO B 80 1.12 29.65 -23.72
C PRO B 80 0.54 28.25 -23.69
N GLU B 81 -0.54 28.01 -24.42
CA GLU B 81 -1.12 26.68 -24.49
C GLU B 81 -0.20 25.70 -25.19
N ASP B 82 0.58 26.17 -26.17
CA ASP B 82 1.33 25.28 -27.04
C ASP B 82 2.62 24.77 -26.41
N PHE B 83 3.08 25.37 -25.32
CA PHE B 83 4.33 24.95 -24.69
C PHE B 83 4.13 23.62 -23.98
N ALA B 84 4.76 22.58 -24.49
CA ALA B 84 4.60 21.22 -23.97
C ALA B 84 5.69 20.35 -24.58
N THR B 85 5.61 19.05 -24.35
CA THR B 85 6.52 18.08 -24.92
C THR B 85 5.89 17.46 -26.17
N TYR B 86 6.70 17.32 -27.22
CA TYR B 86 6.23 16.86 -28.51
C TYR B 86 7.03 15.63 -28.95
N TYR B 87 6.36 14.74 -29.67
CA TYR B 87 6.95 13.48 -30.10
C TYR B 87 6.59 13.21 -31.55
N CYS B 88 7.44 12.42 -32.22
CA CYS B 88 7.14 11.87 -33.53
C CYS B 88 7.11 10.35 -33.43
N GLN B 89 6.11 9.74 -34.05
CA GLN B 89 5.95 8.29 -34.04
C GLN B 89 5.88 7.77 -35.46
N GLN B 90 6.60 6.67 -35.71
CA GLN B 90 6.49 5.95 -36.97
C GLN B 90 5.15 5.23 -36.99
N SER B 91 4.24 5.66 -37.87
CA SER B 91 2.87 5.19 -37.79
C SER B 91 2.77 3.68 -37.99
N ASP B 92 3.48 3.15 -38.98
CA ASP B 92 3.37 1.73 -39.28
C ASP B 92 4.04 0.88 -38.21
N THR B 93 5.23 1.27 -37.75
CA THR B 93 5.96 0.50 -36.76
C THR B 93 5.65 0.92 -35.33
N ARG B 94 4.93 2.03 -35.15
CA ARG B 94 4.52 2.48 -33.81
C ARG B 94 5.71 2.78 -32.91
N THR B 95 6.82 3.21 -33.50
CA THR B 95 8.01 3.58 -32.75
C THR B 95 7.95 5.06 -32.43
N PHE B 96 8.01 5.40 -31.15
CA PHE B 96 7.99 6.79 -30.71
C PHE B 96 9.40 7.38 -30.74
N GLY B 97 9.45 8.72 -30.79
CA GLY B 97 10.72 9.42 -30.71
C GLY B 97 11.05 9.85 -29.29
N ARG B 98 12.31 10.24 -29.09
CA ARG B 98 12.75 10.63 -27.76
C ARG B 98 11.93 11.79 -27.22
N GLY B 99 11.63 12.77 -28.07
CA GLY B 99 10.77 13.87 -27.70
C GLY B 99 11.53 15.19 -27.63
N THR B 100 10.76 16.28 -27.71
CA THR B 100 11.30 17.63 -27.61
C THR B 100 10.48 18.40 -26.59
N LYS B 101 11.16 19.02 -25.64
CA LYS B 101 10.51 19.84 -24.62
C LYS B 101 10.59 21.31 -25.03
N LEU B 102 9.44 21.98 -25.04
CA LEU B 102 9.33 23.38 -25.41
C LEU B 102 8.93 24.19 -24.18
N ASP B 103 9.80 25.11 -23.77
CA ASP B 103 9.55 25.95 -22.62
C ASP B 103 9.75 27.42 -23.02
N VAL B 104 9.26 28.31 -22.17
CA VAL B 104 9.34 29.74 -22.46
C VAL B 104 10.79 30.19 -22.36
N LYS B 105 11.21 31.02 -23.32
CA LYS B 105 12.55 31.59 -23.31
C LYS B 105 12.66 32.69 -22.27
N ARG B 106 13.80 32.75 -21.60
CA ARG B 106 13.97 33.69 -20.49
C ARG B 106 15.45 33.85 -20.20
N THR B 107 15.78 34.98 -19.58
CA THR B 107 17.15 35.22 -19.12
C THR B 107 17.48 34.31 -17.94
N VAL B 108 18.72 33.83 -17.90
CA VAL B 108 19.14 32.94 -16.83
C VAL B 108 19.00 33.65 -15.49
N ALA B 109 18.35 32.98 -14.54
CA ALA B 109 18.12 33.51 -13.21
C ALA B 109 18.62 32.51 -12.19
N ALA B 110 19.43 32.97 -11.24
CA ALA B 110 20.01 32.05 -10.26
C ALA B 110 18.95 31.65 -9.24
N PRO B 111 18.99 30.41 -8.77
CA PRO B 111 17.99 29.98 -7.76
C PRO B 111 18.26 30.60 -6.40
N SER B 112 17.17 30.81 -5.66
CA SER B 112 17.22 31.26 -4.27
C SER B 112 17.14 30.01 -3.38
N VAL B 113 18.22 29.72 -2.68
CA VAL B 113 18.36 28.45 -1.96
C VAL B 113 17.90 28.63 -0.52
N PHE B 114 17.20 27.62 -0.01
CA PHE B 114 16.79 27.56 1.39
C PHE B 114 16.94 26.13 1.87
N ILE B 115 17.26 25.99 3.15
CA ILE B 115 17.34 24.68 3.80
C ILE B 115 16.50 24.75 5.07
N PHE B 116 15.47 23.89 5.15
CA PHE B 116 14.55 23.89 6.29
C PHE B 116 14.84 22.69 7.16
N PRO B 117 15.09 22.87 8.45
CA PRO B 117 15.44 21.72 9.30
C PRO B 117 14.21 20.90 9.65
N PRO B 118 14.40 19.68 10.14
CA PRO B 118 13.24 18.87 10.54
C PRO B 118 12.47 19.52 11.68
N SER B 119 11.14 19.43 11.61
CA SER B 119 10.29 20.06 12.60
C SER B 119 10.31 19.27 13.90
N ASP B 120 10.22 19.98 15.03
CA ASP B 120 10.15 19.32 16.32
C ASP B 120 8.93 18.42 16.42
N GLU B 121 7.82 18.81 15.79
CA GLU B 121 6.64 17.95 15.77
C GLU B 121 6.95 16.62 15.11
N GLN B 122 7.65 16.64 13.98
CA GLN B 122 7.95 15.41 13.27
C GLN B 122 9.00 14.58 14.02
N LEU B 123 9.97 15.24 14.64
CA LEU B 123 11.04 14.51 15.32
C LEU B 123 10.50 13.62 16.43
N LYS B 124 9.41 14.04 17.08
CA LYS B 124 8.83 13.22 18.13
C LYS B 124 8.30 11.90 17.56
N SER B 125 7.73 11.94 16.35
CA SER B 125 7.15 10.74 15.78
C SER B 125 8.21 9.65 15.60
N GLY B 126 9.44 10.04 15.31
CA GLY B 126 10.52 9.10 15.04
C GLY B 126 11.11 9.21 13.66
N THR B 127 10.69 10.17 12.84
CA THR B 127 11.20 10.36 11.50
C THR B 127 11.55 11.83 11.32
N ALA B 128 12.61 12.09 10.56
CA ALA B 128 13.07 13.46 10.30
C ALA B 128 13.29 13.63 8.81
N SER B 129 12.76 14.72 8.26
CA SER B 129 12.88 15.03 6.84
C SER B 129 13.42 16.44 6.68
N VAL B 130 14.43 16.60 5.82
CA VAL B 130 15.05 17.89 5.53
C VAL B 130 14.65 18.30 4.13
N VAL B 131 14.42 19.60 3.94
CA VAL B 131 13.98 20.15 2.66
C VAL B 131 14.96 21.22 2.22
N CYS B 132 15.33 21.18 0.94
CA CYS B 132 16.13 22.21 0.29
C CYS B 132 15.29 22.80 -0.83
N LEU B 133 15.17 24.12 -0.86
CA LEU B 133 14.26 24.80 -1.77
C LEU B 133 15.02 25.70 -2.74
N LEU B 134 14.75 25.52 -4.03
CA LEU B 134 15.14 26.45 -5.08
C LEU B 134 13.88 27.12 -5.59
N ASN B 135 13.85 28.44 -5.58
CA ASN B 135 12.57 29.16 -5.66
C ASN B 135 12.26 29.73 -7.03
N ASN B 136 13.19 30.44 -7.67
CA ASN B 136 12.91 31.06 -8.97
C ASN B 136 14.20 31.07 -9.78
N PHE B 137 14.33 30.12 -10.70
CA PHE B 137 15.52 29.98 -11.51
C PHE B 137 15.15 29.56 -12.93
N TYR B 138 16.02 29.95 -13.89
CA TYR B 138 15.93 29.55 -15.28
C TYR B 138 17.37 29.44 -15.75
N PRO B 139 17.73 28.40 -16.51
CA PRO B 139 16.89 27.30 -16.99
C PRO B 139 16.50 26.29 -15.91
N ARG B 140 15.67 25.33 -16.29
CA ARG B 140 15.16 24.35 -15.33
C ARG B 140 16.28 23.49 -14.76
N GLU B 141 17.28 23.17 -15.58
CA GLU B 141 18.30 22.21 -15.17
C GLU B 141 19.04 22.68 -13.93
N ALA B 142 19.13 21.81 -12.93
CA ALA B 142 19.80 22.12 -11.68
C ALA B 142 20.33 20.84 -11.05
N LYS B 143 21.42 20.97 -10.30
CA LYS B 143 22.04 19.86 -9.60
C LYS B 143 21.97 20.12 -8.11
N VAL B 144 21.30 19.24 -7.37
CA VAL B 144 21.15 19.35 -5.93
C VAL B 144 21.89 18.18 -5.28
N GLN B 145 22.79 18.50 -4.37
CA GLN B 145 23.56 17.50 -3.64
C GLN B 145 23.31 17.65 -2.15
N TRP B 146 23.12 16.52 -1.47
CA TRP B 146 22.90 16.48 -0.03
C TRP B 146 24.16 15.96 0.64
N LYS B 147 24.69 16.72 1.59
CA LYS B 147 25.85 16.31 2.38
C LYS B 147 25.51 16.48 3.85
N VAL B 148 25.63 15.39 4.61
CA VAL B 148 25.42 15.40 6.06
C VAL B 148 26.78 15.29 6.72
N ASP B 149 27.07 16.22 7.63
CA ASP B 149 28.42 16.39 8.19
C ASP B 149 29.33 16.66 6.99
N ASN B 150 30.31 15.81 6.68
CA ASN B 150 31.20 16.11 5.56
C ASN B 150 30.59 15.65 4.24
N ALA B 151 30.07 14.42 4.19
CA ALA B 151 29.58 13.86 2.93
C ALA B 151 28.38 12.94 3.18
N LEU B 152 27.41 13.01 2.27
CA LEU B 152 26.28 12.10 2.20
C LEU B 152 26.01 11.82 0.73
N GLN B 153 25.61 10.59 0.44
CA GLN B 153 25.24 10.16 -0.90
C GLN B 153 23.72 10.16 -1.09
N SER B 154 23.30 9.81 -2.29
CA SER B 154 21.89 9.85 -2.62
C SER B 154 21.21 8.53 -2.24
N GLY B 155 19.97 8.35 -2.69
CA GLY B 155 19.17 7.21 -2.30
C GLY B 155 18.15 7.50 -1.20
N ASN B 156 18.33 8.60 -0.47
CA ASN B 156 17.38 9.07 0.52
C ASN B 156 16.53 10.24 0.04
N SER B 157 16.75 10.75 -1.18
CA SER B 157 16.17 12.02 -1.62
C SER B 157 15.13 11.80 -2.70
N GLN B 158 14.02 12.55 -2.58
CA GLN B 158 12.96 12.63 -3.57
C GLN B 158 12.76 14.08 -4.01
N GLU B 159 12.82 14.30 -5.32
CA GLU B 159 12.75 15.66 -5.85
C GLU B 159 11.44 15.97 -6.56
N SER B 160 11.05 17.25 -6.49
CA SER B 160 9.84 17.72 -7.14
C SER B 160 10.08 19.09 -7.75
N VAL B 161 9.66 19.29 -9.00
CA VAL B 161 9.83 20.55 -9.71
C VAL B 161 8.46 21.08 -10.11
N THR B 162 8.22 22.37 -9.86
CA THR B 162 6.99 22.99 -10.31
C THR B 162 7.05 23.24 -11.82
N GLU B 163 5.87 23.33 -12.43
CA GLU B 163 5.77 23.70 -13.83
C GLU B 163 6.01 25.19 -13.99
N GLN B 164 6.52 25.57 -15.16
CA GLN B 164 6.97 26.94 -15.36
C GLN B 164 5.86 27.94 -15.06
N ASP B 165 6.21 28.99 -14.33
CA ASP B 165 5.24 29.98 -13.91
C ASP B 165 4.87 30.90 -15.07
N SER B 166 3.57 31.21 -15.17
CA SER B 166 3.11 32.04 -16.28
C SER B 166 3.63 33.47 -16.15
N LYS B 167 3.63 34.02 -14.93
CA LYS B 167 3.97 35.42 -14.75
C LYS B 167 5.48 35.65 -14.85
N ASP B 168 6.29 34.77 -14.26
CA ASP B 168 7.73 34.97 -14.21
C ASP B 168 8.52 33.98 -15.05
N SER B 169 7.91 32.89 -15.50
CA SER B 169 8.57 31.93 -16.38
C SER B 169 9.77 31.26 -15.70
N THR B 170 9.68 31.06 -14.38
CA THR B 170 10.75 30.44 -13.62
C THR B 170 10.29 29.11 -13.06
N TYR B 171 11.26 28.29 -12.65
CA TYR B 171 11.00 27.00 -12.04
C TYR B 171 11.40 27.02 -10.57
N SER B 172 10.74 26.19 -9.77
CA SER B 172 11.07 26.01 -8.36
C SER B 172 11.21 24.51 -8.10
N LEU B 173 12.16 24.15 -7.25
CA LEU B 173 12.48 22.75 -6.99
C LEU B 173 12.48 22.49 -5.49
N SER B 174 11.94 21.33 -5.11
CA SER B 174 11.90 20.89 -3.71
C SER B 174 12.57 19.52 -3.61
N SER B 175 13.71 19.48 -2.94
CA SER B 175 14.41 18.25 -2.65
C SER B 175 14.24 17.93 -1.17
N THR B 176 13.79 16.72 -0.86
CA THR B 176 13.50 16.30 0.49
C THR B 176 14.38 15.11 0.86
N LEU B 177 15.13 15.23 1.95
CA LEU B 177 15.99 14.16 2.45
C LEU B 177 15.30 13.50 3.63
N THR B 178 15.10 12.19 3.56
CA THR B 178 14.38 11.44 4.58
C THR B 178 15.36 10.69 5.46
N LEU B 179 15.19 10.82 6.78
CA LEU B 179 16.09 10.23 7.74
C LEU B 179 15.29 9.69 8.92
N SER B 180 15.89 8.74 9.63
CA SER B 180 15.31 8.25 10.88
C SER B 180 15.70 9.17 12.03
N LYS B 181 14.91 9.11 13.11
CA LYS B 181 15.22 9.93 14.27
C LYS B 181 16.58 9.57 14.86
N ALA B 182 16.84 8.28 15.03
CA ALA B 182 18.12 7.86 15.58
C ALA B 182 19.28 8.26 14.67
N ASP B 183 19.12 8.07 13.36
CA ASP B 183 20.18 8.43 12.43
C ASP B 183 20.37 9.94 12.37
N TYR B 184 19.27 10.71 12.40
CA TYR B 184 19.39 12.15 12.32
C TYR B 184 20.13 12.72 13.53
N GLU B 185 19.71 12.31 14.73
CA GLU B 185 20.33 12.83 15.94
C GLU B 185 21.80 12.43 16.06
N LYS B 186 22.21 11.36 15.38
CA LYS B 186 23.61 10.96 15.46
C LYS B 186 24.53 11.99 14.81
N HIS B 187 24.09 12.59 13.71
CA HIS B 187 24.87 13.59 12.99
C HIS B 187 24.39 14.98 13.33
N LYS B 188 25.32 15.94 13.30
CA LYS B 188 25.05 17.31 13.71
C LYS B 188 24.80 18.25 12.55
N VAL B 189 25.70 18.30 11.58
CA VAL B 189 25.61 19.25 10.47
C VAL B 189 24.79 18.66 9.35
N TYR B 190 24.12 19.53 8.60
CA TYR B 190 23.30 19.14 7.46
C TYR B 190 23.35 20.27 6.43
N ALA B 191 23.35 19.90 5.15
CA ALA B 191 23.57 20.88 4.10
C ALA B 191 23.06 20.35 2.77
N CYS B 192 22.82 21.30 1.85
CA CYS B 192 22.48 21.00 0.47
C CYS B 192 23.19 21.97 -0.45
N GLU B 193 23.71 21.45 -1.57
CA GLU B 193 24.50 22.22 -2.51
C GLU B 193 23.78 22.28 -3.85
N VAL B 194 23.70 23.47 -4.43
CA VAL B 194 22.98 23.69 -5.69
C VAL B 194 23.98 24.15 -6.74
N THR B 195 23.74 23.73 -7.99
CA THR B 195 24.54 24.17 -9.13
C THR B 195 23.61 24.43 -10.30
N HIS B 196 23.86 25.52 -11.02
CA HIS B 196 22.97 26.02 -12.04
C HIS B 196 23.71 27.09 -12.83
N GLN B 197 23.34 27.24 -14.11
CA GLN B 197 24.09 28.11 -15.01
C GLN B 197 24.31 29.48 -14.39
N GLY B 198 23.26 30.06 -13.80
CA GLY B 198 23.39 31.37 -13.17
C GLY B 198 24.34 31.38 -12.00
N LEU B 199 24.58 30.23 -11.39
CA LEU B 199 25.49 30.12 -10.25
C LEU B 199 26.91 29.89 -10.77
N SER B 200 27.77 30.89 -10.62
CA SER B 200 29.16 30.72 -11.01
C SER B 200 29.86 29.71 -10.12
N SER B 201 29.61 29.77 -8.82
CA SER B 201 30.16 28.84 -7.84
C SER B 201 29.03 28.17 -7.08
N PRO B 202 29.23 26.94 -6.59
CA PRO B 202 28.15 26.24 -5.90
C PRO B 202 27.66 27.00 -4.68
N VAL B 203 26.34 27.08 -4.54
CA VAL B 203 25.70 27.69 -3.38
C VAL B 203 25.29 26.58 -2.42
N THR B 204 25.84 26.62 -1.21
CA THR B 204 25.59 25.60 -0.18
C THR B 204 25.08 26.30 1.08
N LYS B 205 23.92 25.85 1.57
CA LYS B 205 23.32 26.37 2.79
C LYS B 205 23.09 25.23 3.76
N SER B 206 23.28 25.51 5.06
CA SER B 206 23.34 24.44 6.04
C SER B 206 22.76 24.91 7.37
N PHE B 207 22.52 23.93 8.24
CA PHE B 207 22.11 24.18 9.62
C PHE B 207 22.81 23.16 10.51
N ASN B 208 23.00 23.53 11.78
CA ASN B 208 23.77 22.72 12.73
C ASN B 208 22.93 22.39 13.96
N ARG B 209 22.21 21.28 13.89
CA ARG B 209 21.57 20.71 15.07
C ARG B 209 21.25 19.26 14.79
N GLY B 210 21.17 18.47 15.85
CA GLY B 210 20.89 17.05 15.74
C GLY B 210 21.70 16.22 16.70
N GLN C 3 6.81 -27.03 2.89
CA GLN C 3 7.69 -26.85 1.74
C GLN C 3 6.93 -26.20 0.59
N LEU C 4 5.87 -25.47 0.94
CA LEU C 4 5.08 -24.71 -0.02
C LEU C 4 5.13 -23.24 0.40
N GLN C 5 5.57 -22.38 -0.51
CA GLN C 5 5.66 -20.95 -0.26
C GLN C 5 4.70 -20.19 -1.16
N GLU C 6 3.98 -19.24 -0.57
CA GLU C 6 2.91 -18.52 -1.23
C GLU C 6 3.32 -17.10 -1.55
N SER C 7 2.62 -16.50 -2.50
CA SER C 7 2.94 -15.17 -2.98
C SER C 7 1.71 -14.57 -3.64
N GLY C 8 1.77 -13.26 -3.88
CA GLY C 8 0.72 -12.55 -4.56
C GLY C 8 -0.22 -11.77 -3.67
N GLY C 9 -0.06 -11.87 -2.35
CA GLY C 9 -0.97 -11.18 -1.45
C GLY C 9 -0.71 -9.70 -1.40
N GLY C 10 -1.77 -8.94 -1.10
CA GLY C 10 -1.65 -7.51 -0.99
C GLY C 10 -3.00 -6.85 -0.90
N LEU C 11 -2.99 -5.53 -1.07
CA LEU C 11 -4.20 -4.72 -1.03
C LEU C 11 -4.81 -4.64 -2.42
N VAL C 12 -6.14 -4.79 -2.49
CA VAL C 12 -6.87 -4.77 -3.74
C VAL C 12 -8.07 -3.84 -3.58
N LYS C 13 -8.31 -3.03 -4.61
CA LYS C 13 -9.50 -2.20 -4.60
C LYS C 13 -10.74 -3.07 -4.77
N PRO C 14 -11.85 -2.74 -4.11
CA PRO C 14 -13.11 -3.44 -4.41
C PRO C 14 -13.39 -3.45 -5.90
N GLY C 15 -13.64 -4.63 -6.44
CA GLY C 15 -13.79 -4.81 -7.87
C GLY C 15 -12.50 -5.04 -8.63
N GLY C 16 -11.39 -5.24 -7.92
CA GLY C 16 -10.10 -5.42 -8.56
C GLY C 16 -9.80 -6.87 -8.88
N SER C 17 -8.56 -7.10 -9.29
CA SER C 17 -8.10 -8.43 -9.66
C SER C 17 -6.72 -8.66 -9.05
N LEU C 18 -6.46 -9.92 -8.69
CA LEU C 18 -5.20 -10.30 -8.07
C LEU C 18 -4.90 -11.74 -8.44
N ARG C 19 -3.61 -12.04 -8.59
CA ARG C 19 -3.15 -13.39 -8.90
C ARG C 19 -2.27 -13.87 -7.76
N LEU C 20 -2.74 -14.88 -7.03
CA LEU C 20 -1.97 -15.51 -5.97
C LEU C 20 -1.18 -16.68 -6.54
N SER C 21 -0.01 -16.95 -5.94
CA SER C 21 0.88 -17.99 -6.43
C SER C 21 1.43 -18.78 -5.26
N CYS C 22 1.68 -20.07 -5.51
CA CYS C 22 2.21 -21.00 -4.52
C CYS C 22 3.28 -21.83 -5.20
N THR C 23 4.51 -21.75 -4.70
CA THR C 23 5.64 -22.47 -5.27
C THR C 23 6.05 -23.59 -4.33
N ALA C 24 6.38 -24.75 -4.90
CA ALA C 24 6.65 -25.96 -4.14
C ALA C 24 8.13 -26.26 -4.10
N SER C 25 8.56 -26.87 -3.00
CA SER C 25 9.94 -27.30 -2.82
C SER C 25 9.94 -28.63 -2.06
N GLY C 26 11.00 -29.40 -2.25
CA GLY C 26 11.20 -30.62 -1.51
C GLY C 26 10.34 -31.79 -1.90
N PHE C 27 9.44 -31.64 -2.88
CA PHE C 27 8.61 -32.75 -3.33
C PHE C 27 8.23 -32.52 -4.78
N ASN C 28 7.73 -33.59 -5.40
CA ASN C 28 7.36 -33.57 -6.82
C ASN C 28 5.99 -32.92 -6.96
N PHE C 29 5.99 -31.63 -7.33
CA PHE C 29 4.75 -30.91 -7.55
C PHE C 29 3.95 -31.53 -8.69
N ASN C 30 4.63 -32.16 -9.65
CA ASN C 30 3.94 -32.63 -10.84
C ASN C 30 3.07 -33.85 -10.56
N LYS C 31 3.41 -34.63 -9.54
CA LYS C 31 2.68 -35.87 -9.27
C LYS C 31 1.59 -35.71 -8.22
N TYR C 32 1.48 -34.53 -7.59
CA TYR C 32 0.60 -34.33 -6.47
C TYR C 32 -0.51 -33.33 -6.81
N ASN C 33 -1.71 -33.60 -6.30
CA ASN C 33 -2.82 -32.67 -6.42
C ASN C 33 -2.64 -31.50 -5.46
N MET C 34 -3.42 -30.45 -5.70
CA MET C 34 -3.33 -29.23 -4.91
C MET C 34 -4.73 -28.64 -4.72
N ASN C 35 -4.86 -27.82 -3.68
CA ASN C 35 -6.13 -27.16 -3.39
C ASN C 35 -5.84 -25.81 -2.77
N TRP C 36 -6.88 -24.98 -2.70
CA TRP C 36 -6.81 -23.66 -2.09
C TRP C 36 -7.85 -23.55 -0.99
N VAL C 37 -7.44 -23.04 0.16
CA VAL C 37 -8.33 -22.84 1.30
C VAL C 37 -8.12 -21.42 1.83
N ARG C 38 -9.19 -20.82 2.32
CA ARG C 38 -9.16 -19.46 2.84
C ARG C 38 -9.80 -19.40 4.21
N GLN C 39 -9.30 -18.48 5.03
CA GLN C 39 -9.83 -18.23 6.37
C GLN C 39 -9.95 -16.72 6.55
N ALA C 40 -11.18 -16.22 6.58
CA ALA C 40 -11.41 -14.81 6.84
C ALA C 40 -10.98 -14.46 8.27
N PRO C 41 -10.67 -13.20 8.53
CA PRO C 41 -10.23 -12.82 9.88
C PRO C 41 -11.26 -13.22 10.92
N GLY C 42 -10.82 -13.98 11.92
CA GLY C 42 -11.70 -14.41 12.98
C GLY C 42 -12.86 -15.27 12.53
N LYS C 43 -12.65 -16.06 11.47
CA LYS C 43 -13.67 -16.96 10.95
C LYS C 43 -13.04 -18.31 10.67
N GLY C 44 -13.86 -19.27 10.26
CA GLY C 44 -13.38 -20.60 10.00
C GLY C 44 -12.85 -20.79 8.59
N LEU C 45 -12.11 -21.89 8.41
CA LEU C 45 -11.52 -22.18 7.10
C LEU C 45 -12.60 -22.59 6.11
N GLU C 46 -12.45 -22.13 4.86
CA GLU C 46 -13.37 -22.44 3.78
C GLU C 46 -12.59 -22.89 2.57
N TRP C 47 -12.95 -24.05 2.01
CA TRP C 47 -12.31 -24.54 0.81
C TRP C 47 -12.73 -23.71 -0.40
N VAL C 48 -11.79 -23.44 -1.28
CA VAL C 48 -12.00 -22.59 -2.44
C VAL C 48 -11.95 -23.39 -3.74
N SER C 49 -10.84 -24.09 -3.98
CA SER C 49 -10.67 -24.78 -5.26
C SER C 49 -9.69 -25.93 -5.10
N SER C 50 -9.81 -26.90 -6.00
CA SER C 50 -8.89 -28.02 -6.10
C SER C 50 -8.59 -28.26 -7.57
N ILE C 51 -7.35 -28.65 -7.86
CA ILE C 51 -6.90 -28.86 -9.22
C ILE C 51 -6.02 -30.10 -9.25
N SER C 52 -6.18 -30.91 -10.29
CA SER C 52 -5.47 -32.18 -10.38
C SER C 52 -3.98 -31.94 -10.66
N ALA C 53 -3.20 -33.00 -10.47
CA ALA C 53 -1.78 -32.93 -10.77
C ALA C 53 -1.52 -32.63 -12.24
N LEU C 54 -2.41 -33.11 -13.11
CA LEU C 54 -2.29 -32.86 -14.54
C LEU C 54 -3.25 -31.77 -15.01
N SER C 55 -3.91 -31.07 -14.09
CA SER C 55 -4.90 -30.06 -14.43
C SER C 55 -6.12 -30.68 -15.11
N THR C 56 -6.27 -32.00 -15.00
CA THR C 56 -7.38 -32.68 -15.65
C THR C 56 -8.70 -32.40 -14.92
N TYR C 57 -8.69 -32.51 -13.60
CA TYR C 57 -9.86 -32.26 -12.77
C TYR C 57 -9.68 -30.95 -12.03
N ILE C 58 -10.69 -30.08 -12.10
CA ILE C 58 -10.66 -28.78 -11.43
C ILE C 58 -12.02 -28.53 -10.80
N TYR C 59 -12.03 -28.13 -9.53
CA TYR C 59 -13.25 -27.90 -8.78
C TYR C 59 -13.15 -26.58 -8.03
N TYR C 60 -14.27 -25.88 -7.92
CA TYR C 60 -14.35 -24.60 -7.23
C TYR C 60 -15.50 -24.61 -6.23
N ALA C 61 -15.50 -23.61 -5.36
CA ALA C 61 -16.62 -23.37 -4.46
C ALA C 61 -17.73 -22.64 -5.21
N ASP C 62 -18.97 -22.96 -4.85
CA ASP C 62 -20.11 -22.37 -5.55
C ASP C 62 -20.16 -20.86 -5.35
N SER C 63 -19.90 -20.40 -4.14
CA SER C 63 -19.94 -18.96 -3.87
C SER C 63 -18.93 -18.21 -4.73
N LEU C 64 -17.79 -18.81 -5.01
CA LEU C 64 -16.75 -18.19 -5.82
C LEU C 64 -16.86 -18.60 -7.28
N LYS C 65 -18.09 -18.56 -7.78
CA LYS C 65 -18.40 -19.03 -9.13
C LYS C 65 -18.16 -17.93 -10.14
N GLY C 66 -17.43 -18.25 -11.21
CA GLY C 66 -17.16 -17.33 -12.28
C GLY C 66 -16.10 -16.29 -12.00
N ARG C 67 -15.73 -16.09 -10.74
CA ARG C 67 -14.78 -15.05 -10.37
C ARG C 67 -13.38 -15.58 -10.11
N PHE C 68 -13.24 -16.84 -9.71
CA PHE C 68 -11.94 -17.41 -9.38
C PHE C 68 -11.55 -18.45 -10.43
N THR C 69 -10.26 -18.48 -10.76
CA THR C 69 -9.71 -19.48 -11.68
C THR C 69 -8.41 -20.00 -11.09
N VAL C 70 -8.21 -21.32 -11.18
CA VAL C 70 -7.02 -21.98 -10.66
C VAL C 70 -6.24 -22.57 -11.83
N SER C 71 -4.92 -22.43 -11.79
CA SER C 71 -4.05 -22.92 -12.85
C SER C 71 -2.73 -23.35 -12.23
N ARG C 72 -1.94 -24.09 -13.01
CA ARG C 72 -0.68 -24.62 -12.51
C ARG C 72 0.24 -24.95 -13.68
N ASP C 73 1.53 -24.74 -13.44
CA ASP C 73 2.59 -25.10 -14.38
C ASP C 73 3.55 -26.03 -13.65
N ASN C 74 3.51 -27.32 -13.98
CA ASN C 74 4.35 -28.29 -13.28
C ASN C 74 5.82 -28.15 -13.63
N ALA C 75 6.13 -27.58 -14.81
CA ALA C 75 7.54 -27.36 -15.15
C ALA C 75 8.19 -26.38 -14.19
N LYS C 76 7.50 -25.31 -13.83
CA LYS C 76 7.98 -24.35 -12.85
C LYS C 76 7.62 -24.76 -11.41
N ASN C 77 6.98 -25.90 -11.22
CA ASN C 77 6.56 -26.37 -9.90
C ASN C 77 5.76 -25.28 -9.18
N SER C 78 4.82 -24.69 -9.89
CA SER C 78 4.07 -23.55 -9.37
C SER C 78 2.56 -23.78 -9.51
N LEU C 79 1.83 -23.20 -8.56
CA LEU C 79 0.37 -23.20 -8.53
C LEU C 79 -0.10 -21.76 -8.57
N PHE C 80 -1.34 -21.55 -9.01
CA PHE C 80 -1.84 -20.19 -9.19
C PHE C 80 -3.33 -20.12 -8.88
N LEU C 81 -3.73 -18.99 -8.28
CA LEU C 81 -5.13 -18.65 -8.08
C LEU C 81 -5.36 -17.24 -8.62
N GLN C 82 -6.24 -17.13 -9.61
CA GLN C 82 -6.59 -15.84 -10.21
C GLN C 82 -7.99 -15.46 -9.73
N MET C 83 -8.07 -14.36 -9.00
CA MET C 83 -9.32 -13.85 -8.45
C MET C 83 -9.70 -12.56 -9.16
N ASN C 84 -10.94 -12.47 -9.61
CA ASN C 84 -11.45 -11.29 -10.31
C ASN C 84 -12.76 -10.87 -9.67
N SER C 85 -13.14 -9.62 -9.92
CA SER C 85 -14.33 -9.03 -9.30
C SER C 85 -14.28 -9.19 -7.78
N LEU C 86 -13.11 -8.90 -7.21
CA LEU C 86 -12.89 -9.10 -5.79
C LEU C 86 -13.80 -8.20 -4.97
N ARG C 87 -14.12 -8.64 -3.75
CA ARG C 87 -15.05 -7.96 -2.88
C ARG C 87 -14.58 -8.08 -1.44
N ASP C 88 -15.26 -7.34 -0.55
CA ASP C 88 -14.87 -7.34 0.85
C ASP C 88 -15.01 -8.73 1.47
N ASP C 89 -16.06 -9.47 1.11
CA ASP C 89 -16.25 -10.81 1.65
C ASP C 89 -15.07 -11.72 1.33
N ASP C 90 -14.28 -11.39 0.31
CA ASP C 90 -13.14 -12.21 -0.07
C ASP C 90 -11.89 -11.91 0.75
N THR C 91 -11.96 -10.98 1.70
CA THR C 91 -10.81 -10.66 2.53
C THR C 91 -10.51 -11.84 3.46
N ALA C 92 -9.34 -12.44 3.31
CA ALA C 92 -8.97 -13.62 4.08
C ALA C 92 -7.52 -13.96 3.80
N VAL C 93 -6.98 -14.85 4.62
CA VAL C 93 -5.66 -15.44 4.39
C VAL C 93 -5.86 -16.70 3.56
N TYR C 94 -5.13 -16.80 2.45
CA TYR C 94 -5.27 -17.91 1.51
C TYR C 94 -4.12 -18.89 1.69
N TYR C 95 -4.46 -20.16 1.85
CA TYR C 95 -3.48 -21.23 2.04
C TYR C 95 -3.47 -22.13 0.81
N CYS C 96 -2.29 -22.61 0.43
CA CYS C 96 -2.13 -23.62 -0.59
C CYS C 96 -1.64 -24.91 0.06
N ALA C 97 -2.28 -26.03 -0.28
CA ALA C 97 -2.02 -27.28 0.41
C ALA C 97 -1.97 -28.44 -0.56
N ARG C 98 -1.13 -29.42 -0.23
CA ARG C 98 -0.98 -30.64 -1.01
C ARG C 98 -2.00 -31.67 -0.58
N GLU C 99 -2.62 -32.33 -1.55
CA GLU C 99 -3.62 -33.35 -1.30
C GLU C 99 -3.06 -34.73 -1.62
N ILE C 100 -3.50 -35.72 -0.85
CA ILE C 100 -3.06 -37.10 -0.97
C ILE C 100 -4.28 -38.00 -0.90
N ARG C 101 -4.36 -38.97 -1.81
CA ARG C 101 -5.50 -39.86 -1.90
C ARG C 101 -5.22 -41.10 -1.06
N ARG C 102 -5.84 -41.17 0.11
CA ARG C 102 -5.70 -42.31 1.01
C ARG C 102 -7.09 -42.78 1.41
N ALA C 103 -7.31 -44.10 1.32
CA ALA C 103 -8.59 -44.70 1.68
C ALA C 103 -9.71 -44.15 0.81
N SER C 104 -9.44 -43.99 -0.49
CA SER C 104 -10.40 -43.46 -1.46
C SER C 104 -11.03 -42.15 -1.00
N THR C 105 -10.20 -41.31 -0.36
CA THR C 105 -10.60 -39.99 0.12
C THR C 105 -9.42 -39.04 -0.05
N TRP C 106 -9.71 -37.73 -0.01
CA TRP C 106 -8.69 -36.71 -0.21
C TRP C 106 -8.45 -35.91 1.06
N SER C 107 -7.21 -35.92 1.55
CA SER C 107 -6.81 -35.21 2.76
C SER C 107 -5.62 -34.29 2.50
N ALA C 108 -5.64 -33.13 3.16
CA ALA C 108 -4.57 -32.15 2.99
C ALA C 108 -3.46 -32.36 4.01
N ASP C 109 -2.28 -32.77 3.55
CA ASP C 109 -1.19 -33.07 4.47
C ASP C 109 -0.11 -31.98 4.56
N LEU C 110 0.19 -31.31 3.45
CA LEU C 110 1.08 -30.16 3.47
C LEU C 110 0.29 -28.86 3.38
N TRP C 111 0.80 -27.82 4.02
CA TRP C 111 0.15 -26.51 3.95
C TRP C 111 1.18 -25.41 3.80
N GLY C 112 0.73 -24.24 3.32
CA GLY C 112 1.56 -23.07 3.23
C GLY C 112 1.33 -22.10 4.37
N ARG C 113 2.31 -21.23 4.60
CA ARG C 113 2.21 -20.27 5.70
C ARG C 113 1.01 -19.34 5.50
N GLY C 114 0.76 -18.93 4.26
CA GLY C 114 -0.39 -18.10 3.97
C GLY C 114 -0.02 -16.78 3.33
N THR C 115 -0.95 -16.22 2.55
CA THR C 115 -0.81 -14.90 1.95
C THR C 115 -2.07 -14.10 2.25
N LEU C 116 -1.90 -12.86 2.66
CA LEU C 116 -3.02 -12.05 3.11
C LEU C 116 -3.58 -11.22 1.95
N VAL C 117 -4.88 -11.31 1.74
CA VAL C 117 -5.59 -10.54 0.73
C VAL C 117 -6.67 -9.74 1.44
N THR C 118 -6.60 -8.42 1.32
CA THR C 118 -7.59 -7.53 1.93
C THR C 118 -8.14 -6.62 0.85
N VAL C 119 -9.47 -6.53 0.78
CA VAL C 119 -10.17 -5.78 -0.26
C VAL C 119 -10.82 -4.57 0.40
N PHE C 120 -10.26 -3.39 0.13
CA PHE C 120 -10.80 -2.14 0.64
C PHE C 120 -10.08 -0.99 -0.06
N ASN C 121 -10.70 0.19 -0.02
CA ASN C 121 -10.11 1.38 -0.60
C ASN C 121 -9.15 2.00 0.40
N GLN C 122 -7.89 2.14 0.00
CA GLN C 122 -6.86 2.68 0.88
C GLN C 122 -7.08 4.18 1.07
N ILE C 123 -7.11 4.61 2.33
CA ILE C 123 -7.27 6.02 2.68
C ILE C 123 -6.43 6.31 3.91
N LYS C 124 -5.51 7.26 3.79
CA LYS C 124 -4.71 7.73 4.92
C LYS C 124 -4.76 9.25 4.95
N GLY C 125 -4.99 9.81 6.13
CA GLY C 125 -5.03 11.24 6.31
C GLY C 125 -3.64 11.84 6.35
N PRO C 126 -3.49 13.08 5.90
CA PRO C 126 -2.17 13.70 5.83
C PRO C 126 -1.66 14.15 7.18
N SER C 127 -0.35 14.10 7.33
CA SER C 127 0.35 14.59 8.52
C SER C 127 1.13 15.83 8.11
N VAL C 128 0.69 16.99 8.63
CA VAL C 128 1.24 18.28 8.22
C VAL C 128 2.29 18.72 9.24
N PHE C 129 3.47 19.09 8.75
CA PHE C 129 4.58 19.51 9.58
C PHE C 129 5.12 20.85 9.10
N PRO C 130 5.54 21.72 10.01
CA PRO C 130 5.97 23.06 9.60
C PRO C 130 7.36 23.06 8.99
N LEU C 131 7.59 24.04 8.09
CA LEU C 131 8.87 24.25 7.43
C LEU C 131 9.20 25.74 7.53
N ALA C 132 9.63 26.18 8.73
CA ALA C 132 10.01 27.57 8.93
C ALA C 132 11.53 27.70 8.95
N PRO C 133 12.07 28.84 8.48
CA PRO C 133 13.53 29.00 8.43
C PRO C 133 14.15 29.27 9.80
N GLY C 141 16.40 39.27 4.60
CA GLY C 141 15.36 40.25 4.36
C GLY C 141 14.14 39.66 3.69
N THR C 142 14.37 38.74 2.74
CA THR C 142 13.31 38.01 2.06
C THR C 142 13.38 36.56 2.53
N ALA C 143 12.26 36.05 3.05
CA ALA C 143 12.24 34.77 3.72
C ALA C 143 11.23 33.82 3.08
N ALA C 144 11.43 32.53 3.32
CA ALA C 144 10.57 31.48 2.80
C ALA C 144 10.16 30.55 3.92
N LEU C 145 8.88 30.20 3.94
CA LEU C 145 8.33 29.22 4.88
C LEU C 145 7.40 28.29 4.12
N GLY C 146 7.07 27.17 4.73
CA GLY C 146 6.25 26.19 4.04
C GLY C 146 5.64 25.14 4.95
N CYS C 147 4.89 24.25 4.33
CA CYS C 147 4.24 23.12 4.99
C CYS C 147 4.54 21.85 4.22
N LEU C 148 4.63 20.75 4.95
CA LEU C 148 4.89 19.42 4.38
C LEU C 148 3.72 18.50 4.70
N VAL C 149 3.03 18.05 3.66
CA VAL C 149 1.85 17.23 3.86
C VAL C 149 2.22 15.79 4.21
N LYS C 150 3.36 15.32 3.70
CA LYS C 150 3.89 14.01 4.06
C LYS C 150 2.89 12.92 3.69
N ASP C 151 2.67 11.92 4.52
CA ASP C 151 2.04 10.67 4.11
C ASP C 151 0.53 10.83 4.02
N TYR C 152 -0.01 10.46 2.85
CA TYR C 152 -1.45 10.42 2.60
C TYR C 152 -1.71 9.57 1.37
N PHE C 153 -2.97 9.19 1.21
CA PHE C 153 -3.43 8.37 0.10
C PHE C 153 -4.95 8.46 0.05
N PRO C 154 -5.55 8.64 -1.14
CA PRO C 154 -4.99 8.82 -2.50
C PRO C 154 -4.43 10.23 -2.72
N GLU C 155 -4.25 10.62 -3.98
CA GLU C 155 -3.47 11.81 -4.27
C GLU C 155 -4.14 13.11 -3.84
N PRO C 156 -5.37 13.40 -4.24
CA PRO C 156 -5.83 14.81 -4.25
C PRO C 156 -5.71 15.47 -2.89
N VAL C 157 -4.92 16.53 -2.83
CA VAL C 157 -4.74 17.35 -1.64
C VAL C 157 -4.80 18.82 -2.05
N THR C 158 -5.48 19.63 -1.25
CA THR C 158 -5.69 21.04 -1.53
C THR C 158 -5.04 21.86 -0.42
N VAL C 159 -4.11 22.75 -0.79
CA VAL C 159 -3.36 23.56 0.16
C VAL C 159 -3.65 25.03 -0.12
N SER C 160 -4.00 25.76 0.93
CA SER C 160 -4.15 27.21 0.87
C SER C 160 -3.41 27.81 2.06
N TRP C 161 -3.07 29.10 1.94
CA TRP C 161 -2.37 29.83 2.98
C TRP C 161 -3.20 31.01 3.44
N ASN C 162 -3.27 31.19 4.76
CA ASN C 162 -4.02 32.30 5.35
C ASN C 162 -5.46 32.32 4.85
N SER C 163 -6.09 31.14 4.85
CA SER C 163 -7.48 31.00 4.41
C SER C 163 -7.66 31.63 3.03
N GLY C 164 -6.64 31.51 2.19
CA GLY C 164 -6.68 32.03 0.85
C GLY C 164 -6.15 33.44 0.68
N ALA C 165 -5.68 34.07 1.76
CA ALA C 165 -5.20 35.45 1.66
C ALA C 165 -3.90 35.52 0.88
N LEU C 166 -2.98 34.59 1.12
CA LEU C 166 -1.70 34.58 0.43
C LEU C 166 -1.86 34.00 -0.97
N THR C 167 -1.20 34.64 -1.93
CA THR C 167 -1.41 34.28 -3.33
C THR C 167 -0.13 33.88 -4.05
N SER C 168 0.55 34.84 -4.69
CA SER C 168 1.53 34.49 -5.71
C SER C 168 2.81 33.92 -5.12
N GLY C 169 3.18 34.34 -3.91
CA GLY C 169 4.37 33.77 -3.29
C GLY C 169 4.28 32.27 -3.07
N VAL C 170 3.08 31.71 -3.12
CA VAL C 170 2.87 30.30 -2.81
C VAL C 170 3.22 29.46 -4.03
N HIS C 171 4.05 28.44 -3.81
CA HIS C 171 4.35 27.43 -4.82
C HIS C 171 4.13 26.07 -4.19
N THR C 172 3.02 25.42 -4.52
CA THR C 172 2.71 24.08 -4.02
C THR C 172 3.27 23.05 -5.00
N PHE C 173 4.23 22.27 -4.54
CA PHE C 173 4.94 21.34 -5.41
C PHE C 173 4.10 20.09 -5.68
N PRO C 174 4.28 19.46 -6.85
CA PRO C 174 3.51 18.27 -7.17
C PRO C 174 3.86 17.09 -6.27
N ALA C 175 2.88 16.24 -6.04
CA ALA C 175 3.05 15.12 -5.11
C ALA C 175 4.04 14.11 -5.66
N VAL C 176 4.82 13.52 -4.75
CA VAL C 176 5.77 12.47 -5.08
C VAL C 176 5.43 11.25 -4.23
N LEU C 177 5.49 10.07 -4.84
CA LEU C 177 5.19 8.82 -4.15
C LEU C 177 6.45 8.33 -3.43
N GLN C 178 6.31 8.07 -2.13
CA GLN C 178 7.43 7.64 -1.32
C GLN C 178 7.54 6.11 -1.32
N SER C 179 8.63 5.62 -0.71
CA SER C 179 8.79 4.18 -0.53
C SER C 179 7.67 3.60 0.31
N SER C 180 7.00 4.42 1.11
CA SER C 180 5.89 3.97 1.93
C SER C 180 4.66 3.61 1.12
N GLY C 181 4.63 3.96 -0.17
CA GLY C 181 3.40 3.86 -0.93
C GLY C 181 2.43 4.97 -0.63
N LEU C 182 2.90 6.07 -0.04
CA LEU C 182 2.07 7.20 0.35
C LEU C 182 2.62 8.45 -0.30
N TYR C 183 1.72 9.27 -0.84
CA TYR C 183 2.11 10.50 -1.53
C TYR C 183 2.52 11.57 -0.53
N SER C 184 3.45 12.43 -0.95
CA SER C 184 3.93 13.52 -0.13
C SER C 184 4.20 14.72 -1.02
N LEU C 185 3.76 15.90 -0.56
CA LEU C 185 3.98 17.15 -1.26
C LEU C 185 4.44 18.20 -0.26
N SER C 186 4.94 19.32 -0.80
CA SER C 186 5.33 20.47 0.00
C SER C 186 4.72 21.73 -0.58
N SER C 187 4.45 22.70 0.28
CA SER C 187 3.96 24.00 -0.12
C SER C 187 4.84 25.06 0.55
N VAL C 188 5.36 25.98 -0.26
CA VAL C 188 6.23 27.04 0.22
C VAL C 188 5.60 28.39 -0.12
N VAL C 189 6.10 29.43 0.52
CA VAL C 189 5.60 30.79 0.28
C VAL C 189 6.72 31.77 0.60
N THR C 190 6.79 32.83 -0.21
CA THR C 190 7.76 33.90 -0.01
C THR C 190 7.11 35.03 0.78
N VAL C 191 7.74 35.40 1.89
CA VAL C 191 7.15 36.37 2.82
C VAL C 191 8.21 37.37 3.25
N PRO C 192 7.78 38.52 3.75
CA PRO C 192 8.75 39.48 4.31
C PRO C 192 9.43 38.91 5.54
N SER C 193 10.74 39.16 5.65
CA SER C 193 11.46 38.76 6.85
C SER C 193 10.94 39.53 8.07
N SER C 194 10.47 40.76 7.86
CA SER C 194 9.90 41.52 8.97
C SER C 194 8.67 40.83 9.54
N SER C 195 7.88 40.17 8.69
CA SER C 195 6.65 39.56 9.15
C SER C 195 6.89 38.36 10.06
N LEU C 196 8.11 37.80 10.06
CA LEU C 196 8.36 36.62 10.87
C LEU C 196 8.04 36.87 12.34
N GLY C 197 8.36 38.06 12.84
CA GLY C 197 8.13 38.33 14.24
C GLY C 197 6.71 38.74 14.56
N THR C 198 6.04 39.44 13.64
CA THR C 198 4.77 40.07 13.93
C THR C 198 3.56 39.30 13.41
N GLN C 199 3.70 38.51 12.37
CA GLN C 199 2.56 37.83 11.76
C GLN C 199 2.74 36.32 11.80
N THR C 200 1.61 35.62 11.82
CA THR C 200 1.56 34.16 11.81
C THR C 200 0.98 33.70 10.48
N TYR C 201 1.63 32.72 9.85
CA TYR C 201 1.22 32.19 8.55
C TYR C 201 0.70 30.77 8.72
N ILE C 202 -0.49 30.52 8.18
CA ILE C 202 -1.19 29.25 8.36
C ILE C 202 -1.34 28.58 7.00
N CYS C 203 -1.28 27.24 7.01
CA CYS C 203 -1.48 26.44 5.80
C CYS C 203 -2.68 25.54 6.02
N ASN C 204 -3.66 25.63 5.12
CA ASN C 204 -4.90 24.87 5.21
C ASN C 204 -4.82 23.72 4.23
N VAL C 205 -4.61 22.51 4.75
CA VAL C 205 -4.46 21.31 3.94
C VAL C 205 -5.75 20.50 4.06
N ASN C 206 -6.41 20.25 2.94
CA ASN C 206 -7.67 19.53 2.90
C ASN C 206 -7.50 18.26 2.06
N HIS C 207 -7.80 17.12 2.66
CA HIS C 207 -7.72 15.81 2.01
C HIS C 207 -9.11 15.19 2.15
N LYS C 208 -9.94 15.38 1.12
CA LYS C 208 -11.33 14.97 1.22
C LYS C 208 -11.50 13.46 1.40
N PRO C 209 -10.72 12.59 0.75
CA PRO C 209 -10.93 11.15 0.96
C PRO C 209 -10.96 10.76 2.44
N SER C 210 -10.10 11.37 3.26
CA SER C 210 -10.10 11.14 4.69
C SER C 210 -11.01 12.11 5.44
N ASN C 211 -11.68 13.00 4.73
CA ASN C 211 -12.59 13.97 5.35
C ASN C 211 -11.86 14.81 6.40
N THR C 212 -10.64 15.23 6.06
CA THR C 212 -9.75 15.92 7.00
C THR C 212 -9.49 17.34 6.52
N LYS C 213 -9.63 18.30 7.43
CA LYS C 213 -9.29 19.70 7.19
C LYS C 213 -8.38 20.15 8.32
N VAL C 214 -7.20 20.66 7.97
CA VAL C 214 -6.16 20.96 8.94
C VAL C 214 -5.66 22.38 8.71
N ASP C 215 -5.39 23.09 9.81
CA ASP C 215 -4.71 24.38 9.81
C ASP C 215 -3.48 24.27 10.70
N LYS C 216 -2.33 24.69 10.17
CA LYS C 216 -1.06 24.56 10.87
C LYS C 216 -0.30 25.88 10.82
N ARG C 217 0.22 26.30 11.97
CA ARG C 217 1.00 27.52 12.08
C ARG C 217 0.14 28.74 11.73
N ILE D 2 -23.07 -31.78 1.38
CA ILE D 2 -23.08 -32.39 2.74
C ILE D 2 -22.92 -31.30 3.79
N GLN D 3 -23.90 -31.20 4.68
CA GLN D 3 -23.88 -30.27 5.79
C GLN D 3 -23.38 -30.97 7.04
N MET D 4 -22.36 -30.40 7.67
CA MET D 4 -21.76 -30.98 8.87
C MET D 4 -21.75 -29.95 9.99
N THR D 5 -21.94 -30.44 11.22
CA THR D 5 -21.98 -29.60 12.40
C THR D 5 -20.93 -30.07 13.41
N GLN D 6 -20.30 -29.12 14.09
CA GLN D 6 -19.28 -29.40 15.08
C GLN D 6 -19.77 -28.97 16.46
N SER D 7 -19.56 -29.83 17.45
CA SER D 7 -19.88 -29.53 18.84
C SER D 7 -18.82 -30.17 19.73
N PRO D 8 -18.42 -29.50 20.82
CA PRO D 8 -18.80 -28.13 21.21
C PRO D 8 -18.12 -27.05 20.38
N SER D 9 -18.77 -25.89 20.25
CA SER D 9 -18.15 -24.78 19.53
C SER D 9 -17.00 -24.19 20.32
N SER D 10 -17.12 -24.13 21.65
CA SER D 10 -16.05 -23.67 22.52
C SER D 10 -15.97 -24.61 23.72
N LEU D 11 -14.76 -25.03 24.07
CA LEU D 11 -14.54 -25.97 25.16
C LEU D 11 -13.32 -25.53 25.94
N SER D 12 -13.38 -25.68 27.27
CA SER D 12 -12.29 -25.31 28.16
C SER D 12 -11.86 -26.55 28.94
N ALA D 13 -10.56 -26.81 28.97
CA ALA D 13 -10.01 -27.98 29.64
C ALA D 13 -8.75 -27.58 30.40
N SER D 14 -8.31 -28.48 31.26
CA SER D 14 -7.07 -28.32 32.02
C SER D 14 -6.13 -29.46 31.68
N VAL D 15 -4.83 -29.18 31.74
CA VAL D 15 -3.84 -30.18 31.38
C VAL D 15 -4.06 -31.45 32.19
N GLY D 16 -4.01 -32.59 31.52
CA GLY D 16 -4.29 -33.86 32.14
C GLY D 16 -5.72 -34.34 31.98
N ASP D 17 -6.58 -33.55 31.34
CA ASP D 17 -7.96 -33.93 31.13
C ASP D 17 -8.12 -34.73 29.83
N ARG D 18 -9.28 -35.36 29.69
CA ARG D 18 -9.69 -35.97 28.43
C ARG D 18 -10.71 -35.04 27.78
N VAL D 19 -10.45 -34.64 26.55
CA VAL D 19 -11.28 -33.69 25.82
C VAL D 19 -11.96 -34.43 24.67
N ILE D 20 -13.25 -34.19 24.49
CA ILE D 20 -14.06 -34.86 23.49
C ILE D 20 -14.67 -33.82 22.57
N ILE D 21 -14.43 -33.96 21.27
CA ILE D 21 -15.01 -33.10 20.24
C ILE D 21 -15.72 -33.99 19.24
N THR D 22 -16.88 -33.54 18.76
CA THR D 22 -17.71 -34.34 17.89
C THR D 22 -18.08 -33.56 16.63
N CYS D 23 -18.13 -34.27 15.51
CA CYS D 23 -18.52 -33.73 14.21
C CYS D 23 -19.64 -34.60 13.65
N ARG D 24 -20.75 -33.98 13.28
CA ARG D 24 -21.92 -34.68 12.79
C ARG D 24 -22.14 -34.36 11.31
N ALA D 25 -22.62 -35.36 10.57
CA ALA D 25 -22.88 -35.23 9.14
C ALA D 25 -24.37 -35.38 8.88
N SER D 26 -24.89 -34.57 7.94
CA SER D 26 -26.30 -34.63 7.62
C SER D 26 -26.67 -35.96 6.97
N GLN D 27 -25.80 -36.49 6.13
CA GLN D 27 -25.98 -37.80 5.51
C GLN D 27 -24.78 -38.66 5.83
N SER D 28 -24.93 -39.97 5.63
CA SER D 28 -23.84 -40.89 5.88
C SER D 28 -22.67 -40.62 4.96
N ILE D 29 -21.48 -40.43 5.54
CA ILE D 29 -20.27 -40.20 4.77
C ILE D 29 -19.23 -41.30 5.01
N SER D 30 -19.63 -42.41 5.61
CA SER D 30 -18.77 -43.58 5.83
C SER D 30 -17.57 -43.12 6.66
N SER D 31 -16.33 -43.24 6.16
CA SER D 31 -15.15 -42.82 6.91
C SER D 31 -14.49 -41.60 6.27
N SER D 32 -15.21 -40.86 5.44
CA SER D 32 -14.63 -39.73 4.70
C SER D 32 -14.72 -38.46 5.54
N LEU D 33 -13.92 -38.44 6.61
CA LEU D 33 -13.88 -37.32 7.54
C LEU D 33 -12.43 -37.06 7.94
N ASN D 34 -12.08 -35.78 8.00
CA ASN D 34 -10.74 -35.34 8.37
C ASN D 34 -10.82 -34.42 9.58
N TRP D 35 -9.74 -34.42 10.37
CA TRP D 35 -9.61 -33.54 11.53
C TRP D 35 -8.32 -32.75 11.42
N TYR D 36 -8.39 -31.45 11.70
CA TYR D 36 -7.25 -30.56 11.66
C TYR D 36 -7.21 -29.73 12.94
N GLN D 37 -6.03 -29.19 13.25
CA GLN D 37 -5.87 -28.24 14.35
C GLN D 37 -5.07 -27.04 13.87
N GLN D 38 -5.51 -25.85 14.25
CA GLN D 38 -4.84 -24.61 13.90
C GLN D 38 -4.52 -23.84 15.17
N LYS D 39 -3.24 -23.65 15.44
CA LYS D 39 -2.79 -22.81 16.53
C LYS D 39 -2.84 -21.34 16.09
N PRO D 40 -2.91 -20.41 17.04
CA PRO D 40 -3.10 -19.00 16.67
C PRO D 40 -1.97 -18.52 15.75
N GLY D 41 -2.37 -17.89 14.65
CA GLY D 41 -1.39 -17.36 13.71
C GLY D 41 -0.49 -18.42 13.11
N LYS D 42 -1.03 -19.61 12.83
CA LYS D 42 -0.27 -20.70 12.24
C LYS D 42 -1.15 -21.42 11.22
N ALA D 43 -0.50 -22.19 10.35
CA ALA D 43 -1.19 -22.92 9.30
C ALA D 43 -1.87 -24.16 9.88
N PRO D 44 -3.01 -24.55 9.32
CA PRO D 44 -3.69 -25.76 9.82
C PRO D 44 -2.81 -27.00 9.66
N LYS D 45 -3.00 -27.96 10.56
CA LYS D 45 -2.26 -29.21 10.57
C LYS D 45 -3.22 -30.37 10.59
N LEU D 46 -2.93 -31.37 9.75
CA LEU D 46 -3.77 -32.57 9.68
C LEU D 46 -3.41 -33.53 10.81
N LEU D 47 -4.41 -33.92 11.59
CA LEU D 47 -4.23 -34.86 12.68
C LEU D 47 -4.76 -36.24 12.34
N ILE D 48 -6.01 -36.33 11.89
CA ILE D 48 -6.65 -37.60 11.56
C ILE D 48 -7.13 -37.52 10.12
N TYR D 49 -6.86 -38.56 9.34
CA TYR D 49 -7.36 -38.68 7.98
C TYR D 49 -8.16 -39.98 7.87
N ALA D 50 -9.24 -39.94 7.10
CA ALA D 50 -10.12 -41.10 6.94
C ALA D 50 -10.70 -41.53 8.29
N ALA D 51 -11.05 -40.54 9.11
CA ALA D 51 -11.80 -40.75 10.34
C ALA D 51 -10.96 -41.32 11.47
N VAL D 52 -10.17 -42.35 11.20
CA VAL D 52 -9.50 -43.11 12.27
C VAL D 52 -7.98 -43.10 12.15
N ASN D 53 -7.42 -42.69 11.02
CA ASN D 53 -5.99 -42.83 10.80
C ASN D 53 -5.25 -41.59 11.30
N LEU D 54 -4.22 -41.82 12.11
CA LEU D 54 -3.40 -40.73 12.63
C LEU D 54 -2.36 -40.29 11.60
N GLU D 55 -2.21 -38.99 11.43
CA GLU D 55 -1.17 -38.45 10.57
C GLU D 55 0.20 -38.61 11.22
N THR D 56 1.22 -38.76 10.38
CA THR D 56 2.57 -38.95 10.89
C THR D 56 3.01 -37.73 11.70
N GLY D 57 3.70 -38.00 12.81
CA GLY D 57 4.17 -36.94 13.68
C GLY D 57 3.14 -36.41 14.65
N VAL D 58 2.01 -37.08 14.80
CA VAL D 58 0.93 -36.62 15.67
C VAL D 58 0.99 -37.41 16.97
N PRO D 59 0.83 -36.76 18.13
CA PRO D 59 0.83 -37.51 19.39
C PRO D 59 -0.26 -38.58 19.39
N SER D 60 0.06 -39.72 20.00
CA SER D 60 -0.89 -40.82 20.06
C SER D 60 -2.10 -40.51 20.92
N ARG D 61 -2.00 -39.50 21.80
CA ARG D 61 -3.15 -39.15 22.63
C ARG D 61 -4.33 -38.69 21.78
N PHE D 62 -4.05 -38.11 20.61
CA PHE D 62 -5.12 -37.80 19.67
C PHE D 62 -5.68 -39.08 19.08
N SER D 63 -7.01 -39.21 19.09
CA SER D 63 -7.67 -40.41 18.61
C SER D 63 -8.90 -40.04 17.81
N GLY D 64 -9.15 -40.80 16.74
CA GLY D 64 -10.30 -40.58 15.88
C GLY D 64 -11.17 -41.82 15.81
N SER D 65 -12.48 -41.61 15.81
CA SER D 65 -13.43 -42.71 15.75
C SER D 65 -14.68 -42.24 15.02
N GLY D 66 -15.44 -43.21 14.50
CA GLY D 66 -16.74 -42.92 13.92
C GLY D 66 -16.98 -43.52 12.56
N PHE D 67 -18.26 -43.71 12.24
CA PHE D 67 -18.68 -44.18 10.92
C PHE D 67 -20.10 -43.66 10.68
N GLY D 68 -20.39 -43.36 9.43
CA GLY D 68 -21.70 -42.84 9.08
C GLY D 68 -21.83 -41.35 9.36
N THR D 69 -22.78 -40.99 10.22
CA THR D 69 -23.07 -39.58 10.47
C THR D 69 -22.23 -38.99 11.59
N ASP D 70 -21.91 -39.77 12.62
CA ASP D 70 -21.28 -39.25 13.83
C ASP D 70 -19.81 -39.66 13.88
N PHE D 71 -18.95 -38.70 14.20
CA PHE D 71 -17.52 -38.93 14.37
C PHE D 71 -17.06 -38.20 15.62
N THR D 72 -15.93 -38.63 16.16
CA THR D 72 -15.40 -38.08 17.40
C THR D 72 -13.89 -37.95 17.33
N LEU D 73 -13.39 -36.82 17.82
CA LEU D 73 -11.96 -36.59 18.04
C LEU D 73 -11.75 -36.48 19.54
N ALA D 74 -10.87 -37.33 20.08
CA ALA D 74 -10.63 -37.40 21.51
C ALA D 74 -9.15 -37.21 21.80
N ILE D 75 -8.84 -36.32 22.73
CA ILE D 75 -7.48 -36.10 23.21
C ILE D 75 -7.43 -36.68 24.62
N SER D 76 -6.69 -37.76 24.79
CA SER D 76 -6.69 -38.46 26.07
C SER D 76 -6.00 -37.64 27.15
N ASN D 77 -4.83 -37.09 26.85
CA ASN D 77 -4.02 -36.33 27.81
C ASN D 77 -3.75 -34.96 27.22
N VAL D 78 -4.70 -34.03 27.41
CA VAL D 78 -4.54 -32.70 26.84
C VAL D 78 -3.29 -32.06 27.42
N GLN D 79 -2.47 -31.49 26.54
CA GLN D 79 -1.22 -30.86 26.90
C GLN D 79 -1.20 -29.41 26.41
N PRO D 80 -0.27 -28.60 26.90
CA PRO D 80 -0.28 -27.17 26.50
C PRO D 80 -0.22 -26.97 25.00
N GLU D 81 0.57 -27.78 24.29
CA GLU D 81 0.62 -27.68 22.84
C GLU D 81 -0.74 -27.96 22.21
N ASP D 82 -1.52 -28.85 22.81
CA ASP D 82 -2.79 -29.26 22.21
C ASP D 82 -3.76 -28.08 22.11
N PHE D 83 -3.89 -27.30 23.18
CA PHE D 83 -4.85 -26.21 23.23
C PHE D 83 -4.78 -25.35 21.96
N ALA D 84 -5.80 -25.45 21.13
CA ALA D 84 -5.82 -24.84 19.81
C ALA D 84 -7.24 -24.96 19.27
N THR D 85 -7.43 -24.48 18.04
CA THR D 85 -8.71 -24.59 17.36
C THR D 85 -8.69 -25.82 16.45
N TYR D 86 -9.84 -26.48 16.35
CA TYR D 86 -9.95 -27.75 15.64
C TYR D 86 -11.10 -27.67 14.64
N TYR D 87 -10.92 -28.35 13.50
CA TYR D 87 -11.90 -28.36 12.42
C TYR D 87 -12.06 -29.78 11.91
N CYS D 88 -13.28 -30.09 11.43
CA CYS D 88 -13.56 -31.35 10.77
C CYS D 88 -13.97 -31.06 9.32
N GLN D 89 -13.32 -31.74 8.37
CA GLN D 89 -13.58 -31.53 6.95
C GLN D 89 -14.13 -32.82 6.34
N GLN D 90 -15.22 -32.68 5.58
CA GLN D 90 -15.75 -33.79 4.81
C GLN D 90 -14.79 -34.08 3.66
N SER D 91 -14.19 -35.27 3.67
CA SER D 91 -13.06 -35.53 2.78
C SER D 91 -13.48 -35.51 1.32
N ASP D 92 -14.64 -36.07 1.00
CA ASP D 92 -15.05 -36.17 -0.40
C ASP D 92 -15.39 -34.79 -0.96
N THR D 93 -16.14 -33.99 -0.21
CA THR D 93 -16.52 -32.66 -0.66
C THR D 93 -15.55 -31.57 -0.20
N ARG D 94 -14.60 -31.90 0.66
CA ARG D 94 -13.62 -30.93 1.16
C ARG D 94 -14.33 -29.69 1.71
N THR D 95 -15.31 -29.94 2.58
CA THR D 95 -16.11 -28.92 3.23
C THR D 95 -15.77 -28.92 4.72
N PHE D 96 -15.40 -27.76 5.24
CA PHE D 96 -14.95 -27.64 6.62
C PHE D 96 -16.12 -27.38 7.57
N GLY D 97 -15.89 -27.68 8.85
CA GLY D 97 -16.86 -27.41 9.88
C GLY D 97 -16.64 -26.07 10.57
N ARG D 98 -17.61 -25.69 11.39
CA ARG D 98 -17.56 -24.38 12.04
C ARG D 98 -16.31 -24.22 12.88
N GLY D 99 -15.94 -25.26 13.63
CA GLY D 99 -14.73 -25.25 14.41
C GLY D 99 -15.01 -25.31 15.91
N THR D 100 -13.99 -25.77 16.64
CA THR D 100 -14.06 -25.91 18.09
C THR D 100 -12.82 -25.27 18.70
N LYS D 101 -13.01 -24.43 19.72
CA LYS D 101 -11.92 -23.76 20.40
C LYS D 101 -11.66 -24.43 21.74
N LEU D 102 -10.41 -24.77 22.01
CA LEU D 102 -10.00 -25.39 23.26
C LEU D 102 -9.02 -24.47 23.95
N ASP D 103 -9.38 -24.02 25.16
CA ASP D 103 -8.54 -23.12 25.94
C ASP D 103 -8.40 -23.66 27.36
N VAL D 104 -7.39 -23.14 28.07
CA VAL D 104 -7.14 -23.56 29.43
C VAL D 104 -8.25 -23.06 30.34
N LYS D 105 -8.72 -23.94 31.21
CA LYS D 105 -9.81 -23.63 32.14
C LYS D 105 -9.26 -23.00 33.40
N ARG D 106 -9.93 -21.95 33.88
CA ARG D 106 -9.52 -21.30 35.11
C ARG D 106 -10.68 -20.52 35.70
N THR D 107 -10.45 -19.99 36.90
CA THR D 107 -11.44 -19.16 37.57
C THR D 107 -11.61 -17.84 36.85
N VAL D 108 -12.83 -17.31 36.89
CA VAL D 108 -13.12 -16.03 36.26
C VAL D 108 -12.33 -14.94 36.94
N ALA D 109 -11.68 -14.09 36.15
CA ALA D 109 -10.90 -12.97 36.65
C ALA D 109 -11.38 -11.68 35.99
N ALA D 110 -11.52 -10.63 36.81
CA ALA D 110 -12.03 -9.37 36.30
C ALA D 110 -10.92 -8.56 35.65
N PRO D 111 -11.18 -7.93 34.50
CA PRO D 111 -10.13 -7.14 33.85
C PRO D 111 -9.83 -5.86 34.63
N SER D 112 -8.57 -5.45 34.57
CA SER D 112 -8.11 -4.17 35.11
C SER D 112 -8.12 -3.16 33.97
N VAL D 113 -8.98 -2.17 34.05
CA VAL D 113 -9.21 -1.24 32.95
C VAL D 113 -8.31 -0.01 33.11
N PHE D 114 -7.67 0.39 32.02
CA PHE D 114 -6.92 1.64 31.94
C PHE D 114 -7.34 2.38 30.68
N ILE D 115 -7.21 3.70 30.70
CA ILE D 115 -7.50 4.53 29.55
C ILE D 115 -6.34 5.50 29.36
N PHE D 116 -5.79 5.52 28.15
CA PHE D 116 -4.62 6.32 27.85
C PHE D 116 -4.99 7.45 26.90
N PRO D 117 -4.82 8.72 27.29
CA PRO D 117 -5.16 9.82 26.38
C PRO D 117 -4.21 9.87 25.21
N PRO D 118 -4.60 10.53 24.12
CA PRO D 118 -3.65 10.71 23.00
C PRO D 118 -2.46 11.56 23.43
N SER D 119 -1.27 11.15 22.97
CA SER D 119 -0.07 11.92 23.24
C SER D 119 -0.10 13.21 22.42
N ASP D 120 0.34 14.31 23.03
CA ASP D 120 0.46 15.56 22.27
C ASP D 120 1.36 15.37 21.06
N GLU D 121 2.37 14.52 21.17
CA GLU D 121 3.25 14.25 20.03
C GLU D 121 2.47 13.74 18.83
N GLN D 122 1.53 12.82 19.06
CA GLN D 122 0.69 12.34 17.96
C GLN D 122 -0.23 13.45 17.46
N LEU D 123 -0.76 14.26 18.36
CA LEU D 123 -1.66 15.34 17.96
C LEU D 123 -0.94 16.37 17.09
N LYS D 124 0.36 16.59 17.34
CA LYS D 124 1.12 17.48 16.46
C LYS D 124 1.06 16.99 15.02
N SER D 125 1.19 15.67 14.82
CA SER D 125 1.12 15.12 13.47
C SER D 125 -0.25 15.36 12.84
N GLY D 126 -1.31 15.32 13.65
CA GLY D 126 -2.65 15.55 13.15
C GLY D 126 -3.60 14.39 13.41
N THR D 127 -3.16 13.42 14.21
CA THR D 127 -3.95 12.25 14.52
C THR D 127 -4.06 12.10 16.04
N ALA D 128 -5.20 11.58 16.48
CA ALA D 128 -5.48 11.36 17.90
C ALA D 128 -5.89 9.91 18.11
N SER D 129 -5.24 9.23 19.05
CA SER D 129 -5.54 7.84 19.34
C SER D 129 -5.75 7.68 20.84
N VAL D 130 -6.91 7.15 21.22
CA VAL D 130 -7.24 6.83 22.60
C VAL D 130 -7.21 5.31 22.74
N VAL D 131 -6.57 4.83 23.82
CA VAL D 131 -6.38 3.39 24.04
C VAL D 131 -7.00 3.02 25.38
N CYS D 132 -7.79 1.95 25.36
CA CYS D 132 -8.36 1.33 26.56
C CYS D 132 -7.79 -0.07 26.68
N LEU D 133 -7.29 -0.41 27.88
CA LEU D 133 -6.54 -1.65 28.12
C LEU D 133 -7.23 -2.48 29.18
N LEU D 134 -7.82 -3.57 28.73
CA LEU D 134 -8.20 -4.66 29.62
C LEU D 134 -7.02 -5.62 29.83
N ASN D 135 -6.91 -6.16 31.06
CA ASN D 135 -5.75 -6.95 31.40
C ASN D 135 -6.05 -8.09 32.36
N ASN D 136 -5.43 -9.23 32.09
CA ASN D 136 -5.48 -10.40 32.96
C ASN D 136 -6.90 -10.76 33.38
N PHE D 137 -7.70 -11.16 32.39
CA PHE D 137 -9.10 -11.50 32.59
C PHE D 137 -9.49 -12.79 31.87
N TYR D 138 -10.39 -13.53 32.52
CA TYR D 138 -11.00 -14.77 32.05
C TYR D 138 -12.50 -14.75 32.38
N PRO D 139 -13.36 -15.24 31.44
CA PRO D 139 -13.12 -15.77 30.09
C PRO D 139 -12.74 -14.66 29.11
N ARG D 140 -12.40 -15.09 27.88
CA ARG D 140 -11.94 -14.13 26.88
C ARG D 140 -13.03 -13.15 26.50
N GLU D 141 -14.30 -13.55 26.61
CA GLU D 141 -15.39 -12.72 26.12
C GLU D 141 -15.51 -11.44 26.95
N ALA D 142 -15.50 -10.30 26.28
CA ALA D 142 -15.63 -9.00 26.93
C ALA D 142 -16.09 -7.97 25.91
N LYS D 143 -16.80 -6.97 26.37
CA LYS D 143 -17.33 -5.91 25.52
C LYS D 143 -16.73 -4.57 25.93
N VAL D 144 -16.21 -3.83 24.96
CA VAL D 144 -15.66 -2.51 25.17
C VAL D 144 -16.45 -1.52 24.32
N GLN D 145 -16.96 -0.48 24.96
CA GLN D 145 -17.70 0.58 24.28
C GLN D 145 -17.03 1.92 24.55
N TRP D 146 -17.03 2.78 23.53
CA TRP D 146 -16.42 4.10 23.62
C TRP D 146 -17.51 5.16 23.70
N LYS D 147 -17.38 6.07 24.66
CA LYS D 147 -18.29 7.19 24.81
C LYS D 147 -17.48 8.48 24.85
N VAL D 148 -17.97 9.50 24.15
CA VAL D 148 -17.27 10.79 24.07
C VAL D 148 -18.03 11.81 24.91
N ASP D 149 -19.21 12.22 24.43
CA ASP D 149 -20.05 13.15 25.17
C ASP D 149 -21.30 12.41 25.65
N ASN D 150 -21.10 11.33 26.42
CA ASN D 150 -22.17 10.39 26.71
C ASN D 150 -22.80 9.90 25.41
N ALA D 151 -21.97 9.76 24.38
CA ALA D 151 -22.40 9.39 23.04
C ALA D 151 -21.52 8.26 22.55
N LEU D 152 -22.15 7.16 22.12
CA LEU D 152 -21.42 5.96 21.74
C LEU D 152 -20.83 6.10 20.34
N GLN D 153 -19.63 5.56 20.17
CA GLN D 153 -18.94 5.50 18.89
C GLN D 153 -19.08 4.11 18.31
N SER D 154 -19.02 4.01 16.98
CA SER D 154 -19.30 2.75 16.29
C SER D 154 -18.11 2.26 15.49
N GLY D 155 -17.77 2.91 14.38
CA GLY D 155 -16.82 2.36 13.43
C GLY D 155 -15.40 2.84 13.55
N ASN D 156 -15.04 3.54 14.63
CA ASN D 156 -13.71 4.10 14.79
C ASN D 156 -12.89 3.38 15.85
N SER D 157 -13.17 2.10 16.07
CA SER D 157 -12.52 1.34 17.13
C SER D 157 -11.85 0.09 16.56
N GLN D 158 -10.66 -0.21 17.09
CA GLN D 158 -9.91 -1.41 16.75
C GLN D 158 -9.59 -2.16 18.03
N GLU D 159 -9.70 -3.50 17.98
CA GLU D 159 -9.44 -4.33 19.15
C GLU D 159 -8.45 -5.43 18.79
N SER D 160 -7.60 -5.76 19.75
CA SER D 160 -6.56 -6.78 19.57
C SER D 160 -6.36 -7.50 20.89
N VAL D 161 -6.50 -8.83 20.87
CA VAL D 161 -6.42 -9.65 22.07
C VAL D 161 -5.14 -10.48 22.00
N THR D 162 -4.42 -10.54 23.11
CA THR D 162 -3.23 -11.38 23.18
C THR D 162 -3.63 -12.84 23.34
N GLU D 163 -2.68 -13.73 23.04
CA GLU D 163 -2.90 -15.16 23.27
C GLU D 163 -2.86 -15.45 24.77
N GLN D 164 -3.53 -16.53 25.15
CA GLN D 164 -3.58 -16.92 26.56
C GLN D 164 -2.18 -17.17 27.09
N ASP D 165 -1.89 -16.57 28.24
CA ASP D 165 -0.58 -16.68 28.86
C ASP D 165 -0.36 -18.05 29.50
N SER D 166 0.85 -18.57 29.30
CA SER D 166 1.13 -19.91 29.80
C SER D 166 1.14 -19.92 31.32
N LYS D 167 1.67 -18.89 31.94
CA LYS D 167 1.92 -18.95 33.38
C LYS D 167 0.63 -18.79 34.17
N ASP D 168 -0.22 -17.84 33.78
CA ASP D 168 -1.44 -17.59 34.53
C ASP D 168 -2.72 -17.83 33.76
N SER D 169 -2.65 -18.15 32.46
CA SER D 169 -3.83 -18.52 31.66
C SER D 169 -4.88 -17.41 31.61
N THR D 170 -4.41 -16.17 31.61
CA THR D 170 -5.27 -14.99 31.45
C THR D 170 -5.09 -14.31 30.09
N TYR D 171 -6.09 -13.52 29.73
CA TYR D 171 -6.08 -12.77 28.49
C TYR D 171 -5.87 -11.27 28.74
N SER D 172 -5.58 -10.57 27.64
CA SER D 172 -5.52 -9.12 27.66
C SER D 172 -5.99 -8.57 26.31
N LEU D 173 -6.64 -7.40 26.34
CA LEU D 173 -7.21 -6.80 25.15
C LEU D 173 -6.88 -5.31 25.09
N SER D 174 -6.67 -4.79 23.89
CA SER D 174 -6.38 -3.39 23.66
C SER D 174 -7.36 -2.84 22.64
N SER D 175 -8.21 -1.91 23.07
CA SER D 175 -9.16 -1.24 22.18
C SER D 175 -8.66 0.18 21.93
N THR D 176 -8.62 0.57 20.66
CA THR D 176 -8.07 1.86 20.26
C THR D 176 -9.13 2.65 19.51
N LEU D 177 -9.34 3.89 19.94
CA LEU D 177 -10.24 4.83 19.26
C LEU D 177 -9.38 5.83 18.50
N THR D 178 -9.50 5.82 17.17
CA THR D 178 -8.72 6.71 16.32
C THR D 178 -9.62 7.81 15.78
N LEU D 179 -9.17 9.05 15.88
CA LEU D 179 -9.94 10.21 15.48
C LEU D 179 -9.03 11.19 14.76
N SER D 180 -9.65 12.13 14.05
CA SER D 180 -8.88 13.22 13.47
C SER D 180 -8.53 14.24 14.56
N LYS D 181 -7.45 14.98 14.31
CA LYS D 181 -7.05 16.02 15.26
C LYS D 181 -8.18 17.00 15.49
N ALA D 182 -8.93 17.34 14.45
CA ALA D 182 -10.07 18.25 14.61
C ALA D 182 -11.16 17.63 15.45
N ASP D 183 -11.44 16.33 15.23
CA ASP D 183 -12.51 15.68 15.98
C ASP D 183 -12.19 15.62 17.47
N TYR D 184 -10.93 15.30 17.81
CA TYR D 184 -10.56 15.17 19.21
C TYR D 184 -10.72 16.49 19.96
N GLU D 185 -10.37 17.60 19.32
CA GLU D 185 -10.47 18.90 19.98
C GLU D 185 -11.91 19.35 20.17
N LYS D 186 -12.81 18.91 19.28
CA LYS D 186 -14.18 19.40 19.33
C LYS D 186 -14.89 19.00 20.62
N HIS D 187 -14.58 17.82 21.14
CA HIS D 187 -15.25 17.29 22.32
C HIS D 187 -14.31 17.26 23.52
N LYS D 188 -14.89 17.10 24.70
CA LYS D 188 -14.16 17.23 25.95
C LYS D 188 -13.87 15.89 26.61
N VAL D 189 -14.91 15.11 26.88
CA VAL D 189 -14.79 13.89 27.65
C VAL D 189 -14.57 12.70 26.72
N TYR D 190 -13.81 11.73 27.21
CA TYR D 190 -13.55 10.50 26.46
C TYR D 190 -13.45 9.35 27.45
N ALA D 191 -14.20 8.29 27.19
CA ALA D 191 -14.30 7.19 28.14
C ALA D 191 -14.48 5.88 27.40
N CYS D 192 -14.13 4.79 28.09
CA CYS D 192 -14.37 3.44 27.60
C CYS D 192 -15.05 2.64 28.69
N GLU D 193 -16.11 1.93 28.33
CA GLU D 193 -16.92 1.16 29.27
C GLU D 193 -16.74 -0.32 29.01
N VAL D 194 -16.38 -1.07 30.06
CA VAL D 194 -16.12 -2.49 29.96
C VAL D 194 -17.18 -3.24 30.75
N THR D 195 -17.62 -4.38 30.21
CA THR D 195 -18.53 -5.28 30.90
C THR D 195 -18.05 -6.71 30.65
N HIS D 196 -17.99 -7.50 31.72
CA HIS D 196 -17.31 -8.80 31.71
C HIS D 196 -17.81 -9.57 32.91
N GLN D 197 -17.77 -10.91 32.79
CA GLN D 197 -18.40 -11.75 33.81
C GLN D 197 -17.88 -11.41 35.20
N GLY D 198 -16.57 -11.23 35.34
CA GLY D 198 -16.00 -10.86 36.62
C GLY D 198 -16.45 -9.51 37.12
N LEU D 199 -16.90 -8.63 36.22
CA LEU D 199 -17.38 -7.31 36.59
C LEU D 199 -18.87 -7.40 36.89
N SER D 200 -19.24 -7.29 38.16
CA SER D 200 -20.66 -7.28 38.52
C SER D 200 -21.36 -6.08 37.92
N SER D 201 -20.68 -4.94 37.85
CA SER D 201 -21.19 -3.73 37.22
C SER D 201 -20.21 -3.25 36.15
N PRO D 202 -20.70 -2.65 35.07
CA PRO D 202 -19.78 -2.18 34.03
C PRO D 202 -18.78 -1.17 34.57
N VAL D 203 -17.52 -1.32 34.16
CA VAL D 203 -16.43 -0.47 34.61
C VAL D 203 -16.17 0.58 33.54
N THR D 204 -16.12 1.85 33.97
CA THR D 204 -15.90 2.98 33.06
C THR D 204 -14.72 3.79 33.54
N LYS D 205 -13.77 4.03 32.63
CA LYS D 205 -12.63 4.91 32.87
C LYS D 205 -12.67 6.05 31.87
N SER D 206 -12.41 7.26 32.34
CA SER D 206 -12.56 8.44 31.49
C SER D 206 -11.49 9.47 31.79
N PHE D 207 -11.35 10.42 30.86
CA PHE D 207 -10.44 11.55 31.02
C PHE D 207 -11.04 12.75 30.30
N ASN D 208 -10.50 13.93 30.63
CA ASN D 208 -11.01 15.18 30.05
C ASN D 208 -9.94 15.88 29.23
N ARG D 209 -10.10 17.19 29.02
CA ARG D 209 -9.12 18.00 28.30
C ARG D 209 -8.90 17.46 26.89
N GLY D 210 -9.97 17.05 26.23
CA GLY D 210 -9.89 16.53 24.88
C GLY D 210 -9.26 17.51 23.91
#